data_6L47
#
_entry.id   6L47
#
loop_
_entity.id
_entity.type
_entity.pdbx_description
1 polymer 'Sterol O-acyltransferase 1'
2 non-polymer 2,2-dimethyl-N-(2,4,6-trimethoxyphenyl)dodecanamide
3 non-polymer CHOLESTEROL
#
_entity_poly.entity_id   1
_entity_poly.type   'polypeptide(L)'
_entity_poly.pdbx_seq_one_letter_code
;MKEVGSHFDDFVTNLIEKSASLDNGGCALTTFSVLEGEKNNHRAKDLRAPPEQGKIFIARRSLLDELLEVDHIRTIYHMF
IALLILFILSTLVVDYIDEGRLVLEFSLLSYAFGKFPTVVWTWWIMFLSTFSVPYFLFQHWATGYSKSSHPLIRSLFHGF
LFMIFQIGVLGFGPTYVVLAYTLPPASRFIIIFEQIRFVMKAHSFVRENVPRVLNSAKEKSSTVPIPTVNQYLYFLFAPT
LIYRDSYPRNPTVRWGYVAMKFAQVFGCFFYVYYIFERLCAPLFRNIKQEPFSARVLVLCVFNSILPGVLILFLTFFAFL
HCWLNAFAEMLRFGDRMFYKDWWNSTSYSNYYRTWNVVVHDWLYYYAYKDFLWFFSKRFKSAAMLAVFAVSAVVHEYALA
VCLSFFYPVLFVLFMFFGMAFNFIVNDSRKKPIWNVLMWTSLFLGNGVLLCFYSQEWYARQHCPLKNPTFLDYVRPRSWT
CRYVF
;
_entity_poly.pdbx_strand_id   A,B
#
loop_
_chem_comp.id
_chem_comp.type
_chem_comp.name
_chem_comp.formula
CLR non-polymer CHOLESTEROL 'C27 H46 O'
E5L non-polymer 2,2-dimethyl-N-(2,4,6-trimethoxyphenyl)dodecanamide 'C23 H39 N O4'
#
# COMPACT_ATOMS: atom_id res chain seq x y z
N GLN A 53 -13.60 27.94 25.79
CA GLN A 53 -13.69 27.24 27.05
C GLN A 53 -14.37 25.89 26.90
N GLY A 54 -15.27 25.78 25.93
CA GLY A 54 -15.96 24.54 25.66
C GLY A 54 -15.71 23.99 24.27
N LYS A 55 -16.61 23.15 23.78
CA LYS A 55 -16.51 22.56 22.46
C LYS A 55 -17.81 22.74 21.71
N ILE A 56 -17.69 22.92 20.39
CA ILE A 56 -18.84 23.09 19.51
C ILE A 56 -18.90 21.89 18.58
N PHE A 57 -20.03 21.19 18.58
CA PHE A 57 -20.25 20.05 17.70
C PHE A 57 -20.92 20.54 16.43
N ILE A 58 -20.21 20.45 15.31
CA ILE A 58 -20.74 20.82 13.99
C ILE A 58 -20.96 19.53 13.21
N ALA A 59 -22.03 19.52 12.41
CA ALA A 59 -22.57 18.30 11.81
C ALA A 59 -21.82 17.85 10.57
N ARG A 60 -20.56 18.24 10.40
CA ARG A 60 -19.78 17.82 9.26
C ARG A 60 -19.62 16.30 9.23
N ARG A 61 -19.61 15.74 8.02
CA ARG A 61 -19.51 14.30 7.83
C ARG A 61 -18.09 13.83 8.11
N SER A 62 -17.94 12.51 8.27
CA SER A 62 -16.62 11.93 8.48
C SER A 62 -15.69 12.25 7.32
N LEU A 63 -14.40 12.40 7.62
CA LEU A 63 -13.44 12.79 6.59
C LEU A 63 -13.27 11.68 5.57
N LEU A 64 -13.04 10.45 6.05
CA LEU A 64 -12.77 9.35 5.11
C LEU A 64 -13.98 9.02 4.27
N ASP A 65 -15.19 9.23 4.80
CA ASP A 65 -16.39 8.95 4.02
C ASP A 65 -16.54 9.94 2.87
N GLU A 66 -16.18 11.20 3.09
CA GLU A 66 -16.20 12.18 2.01
C GLU A 66 -15.08 11.92 1.02
N LEU A 67 -13.92 11.48 1.53
CA LEU A 67 -12.75 11.30 0.68
C LEU A 67 -12.82 10.04 -0.16
N LEU A 68 -13.52 9.00 0.31
CA LEU A 68 -13.58 7.73 -0.37
C LEU A 68 -14.37 7.80 -1.68
N GLU A 69 -15.08 8.90 -1.93
CA GLU A 69 -15.86 9.01 -3.17
C GLU A 69 -14.95 9.23 -4.38
N VAL A 70 -13.80 9.89 -4.19
CA VAL A 70 -12.86 10.07 -5.29
C VAL A 70 -12.35 8.71 -5.75
N ASP A 71 -12.24 8.55 -7.08
CA ASP A 71 -12.09 7.23 -7.68
C ASP A 71 -10.73 6.61 -7.35
N HIS A 72 -9.71 7.43 -7.11
CA HIS A 72 -8.38 6.88 -6.83
C HIS A 72 -8.34 6.18 -5.46
N ILE A 73 -8.80 6.88 -4.42
CA ILE A 73 -8.89 6.25 -3.11
C ILE A 73 -9.93 5.14 -3.11
N ARG A 74 -10.96 5.28 -3.94
CA ARG A 74 -11.88 4.17 -4.19
C ARG A 74 -11.13 2.94 -4.68
N THR A 75 -10.19 3.13 -5.60
CA THR A 75 -9.41 1.99 -6.09
C THR A 75 -8.48 1.44 -5.03
N ILE A 76 -7.96 2.31 -4.14
CA ILE A 76 -7.16 1.81 -3.03
C ILE A 76 -8.00 0.89 -2.14
N TYR A 77 -9.24 1.29 -1.86
CA TYR A 77 -10.14 0.47 -1.06
C TYR A 77 -10.46 -0.85 -1.77
N HIS A 78 -10.70 -0.79 -3.07
CA HIS A 78 -10.94 -2.03 -3.80
C HIS A 78 -9.72 -2.92 -3.83
N MET A 79 -8.52 -2.32 -3.88
CA MET A 79 -7.28 -3.10 -3.81
C MET A 79 -7.17 -3.80 -2.47
N PHE A 80 -7.48 -3.08 -1.39
CA PHE A 80 -7.50 -3.68 -0.07
C PHE A 80 -8.43 -4.89 -0.01
N ILE A 81 -9.68 -4.74 -0.48
CA ILE A 81 -10.62 -5.85 -0.35
C ILE A 81 -10.30 -6.97 -1.33
N ALA A 82 -9.65 -6.65 -2.44
CA ALA A 82 -9.18 -7.71 -3.34
C ALA A 82 -8.04 -8.48 -2.68
N LEU A 83 -7.17 -7.78 -1.95
CA LEU A 83 -6.14 -8.47 -1.17
C LEU A 83 -6.78 -9.38 -0.13
N LEU A 84 -7.89 -8.94 0.47
CA LEU A 84 -8.60 -9.79 1.43
C LEU A 84 -9.18 -11.02 0.77
N ILE A 85 -9.77 -10.85 -0.43
CA ILE A 85 -10.30 -12.00 -1.17
C ILE A 85 -9.17 -12.97 -1.50
N LEU A 86 -8.01 -12.44 -1.87
CA LEU A 86 -6.85 -13.30 -2.11
C LEU A 86 -6.42 -14.02 -0.84
N PHE A 87 -6.49 -13.34 0.30
CA PHE A 87 -6.18 -13.96 1.58
C PHE A 87 -7.11 -15.15 1.84
N ILE A 88 -8.42 -14.95 1.69
CA ILE A 88 -9.36 -16.01 2.02
C ILE A 88 -9.24 -17.16 1.03
N LEU A 89 -8.97 -16.86 -0.25
CA LEU A 89 -8.75 -17.93 -1.22
C LEU A 89 -7.50 -18.73 -0.89
N SER A 90 -6.41 -18.05 -0.53
CA SER A 90 -5.19 -18.75 -0.14
C SER A 90 -5.42 -19.61 1.09
N THR A 91 -6.19 -19.11 2.06
CA THR A 91 -6.46 -19.87 3.27
C THR A 91 -7.28 -21.12 2.97
N LEU A 92 -8.32 -20.98 2.14
CA LEU A 92 -9.12 -22.15 1.78
C LEU A 92 -8.30 -23.17 1.01
N VAL A 93 -7.42 -22.70 0.11
CA VAL A 93 -6.58 -23.62 -0.64
C VAL A 93 -5.61 -24.35 0.29
N VAL A 94 -5.01 -23.62 1.23
CA VAL A 94 -4.07 -24.25 2.16
C VAL A 94 -4.78 -25.27 3.03
N ASP A 95 -6.01 -24.96 3.46
CA ASP A 95 -6.76 -25.93 4.27
C ASP A 95 -7.13 -27.16 3.45
N TYR A 96 -7.55 -26.97 2.19
CA TYR A 96 -7.88 -28.10 1.35
C TYR A 96 -6.66 -28.95 1.02
N ILE A 97 -5.47 -28.33 1.00
CA ILE A 97 -4.25 -29.11 0.78
C ILE A 97 -3.88 -29.88 2.05
N ASP A 98 -3.96 -29.22 3.21
CA ASP A 98 -3.49 -29.85 4.44
C ASP A 98 -4.42 -30.96 4.90
N GLU A 99 -5.73 -30.71 4.90
CA GLU A 99 -6.70 -31.67 5.40
C GLU A 99 -7.34 -32.52 4.32
N GLY A 100 -7.18 -32.17 3.05
CA GLY A 100 -7.80 -32.91 1.97
C GLY A 100 -9.22 -32.48 1.70
N ARG A 101 -9.92 -32.04 2.74
CA ARG A 101 -11.30 -31.57 2.66
C ARG A 101 -11.62 -30.85 3.97
N LEU A 102 -12.89 -30.53 4.18
CA LEU A 102 -13.40 -29.98 5.43
C LEU A 102 -12.71 -28.64 5.78
N VAL A 103 -12.98 -27.67 4.91
CA VAL A 103 -12.44 -26.31 5.02
C VAL A 103 -13.19 -25.53 6.10
N LEU A 104 -12.69 -24.34 6.42
CA LEU A 104 -13.36 -23.37 7.30
C LEU A 104 -13.52 -23.93 8.72
N GLU A 105 -12.37 -24.08 9.39
CA GLU A 105 -12.37 -24.50 10.77
C GLU A 105 -12.64 -23.33 11.73
N PHE A 106 -11.94 -22.21 11.52
CA PHE A 106 -12.04 -21.02 12.38
C PHE A 106 -11.69 -21.36 13.83
N SER A 107 -10.43 -21.72 14.04
CA SER A 107 -9.96 -22.17 15.34
C SER A 107 -9.45 -21.05 16.23
N LEU A 108 -8.69 -20.09 15.67
CA LEU A 108 -8.07 -19.06 16.48
C LEU A 108 -9.12 -18.15 17.13
N LEU A 109 -10.21 -17.86 16.42
CA LEU A 109 -11.28 -17.05 17.01
C LEU A 109 -12.03 -17.82 18.09
N SER A 110 -12.08 -19.16 17.97
CA SER A 110 -12.69 -19.96 19.03
C SER A 110 -11.85 -19.98 20.29
N TYR A 111 -10.52 -19.91 20.14
CA TYR A 111 -9.64 -19.87 21.31
C TYR A 111 -9.59 -18.46 21.91
N ALA A 112 -9.65 -17.44 21.07
CA ALA A 112 -9.52 -16.06 21.56
C ALA A 112 -10.82 -15.51 22.15
N PHE A 113 -11.97 -16.06 21.76
CA PHE A 113 -13.25 -15.58 22.26
C PHE A 113 -13.99 -16.70 23.00
N GLY A 114 -13.28 -17.43 23.85
CA GLY A 114 -13.83 -18.61 24.48
C GLY A 114 -14.98 -18.38 25.44
N LYS A 115 -14.70 -17.74 26.58
CA LYS A 115 -15.71 -17.55 27.62
C LYS A 115 -16.52 -16.28 27.32
N PHE A 116 -17.28 -16.35 26.24
CA PHE A 116 -18.08 -15.22 25.77
C PHE A 116 -19.29 -14.94 26.65
N PRO A 117 -19.99 -15.97 27.17
CA PRO A 117 -21.05 -15.66 28.16
C PRO A 117 -20.54 -14.92 29.39
N THR A 118 -19.35 -15.30 29.89
CA THR A 118 -18.78 -14.56 31.00
C THR A 118 -18.51 -13.11 30.63
N VAL A 119 -18.00 -12.89 29.42
CA VAL A 119 -17.71 -11.53 28.96
C VAL A 119 -18.99 -10.71 28.87
N VAL A 120 -20.05 -11.29 28.30
CA VAL A 120 -21.28 -10.53 28.14
C VAL A 120 -21.96 -10.29 29.49
N TRP A 121 -21.82 -11.22 30.43
CA TRP A 121 -22.36 -11.00 31.78
C TRP A 121 -21.59 -9.89 32.48
N THR A 122 -20.26 -9.89 32.34
CA THR A 122 -19.46 -8.80 32.89
C THR A 122 -19.85 -7.47 32.28
N TRP A 123 -20.10 -7.45 30.96
CA TRP A 123 -20.50 -6.20 30.32
C TRP A 123 -21.87 -5.75 30.79
N TRP A 124 -22.79 -6.70 31.01
CA TRP A 124 -24.12 -6.34 31.50
C TRP A 124 -24.03 -5.70 32.88
N ILE A 125 -23.29 -6.32 33.80
CA ILE A 125 -23.19 -5.76 35.14
C ILE A 125 -22.44 -4.43 35.09
N MET A 126 -21.42 -4.33 34.24
CA MET A 126 -20.68 -3.08 34.05
C MET A 126 -21.62 -1.96 33.62
N PHE A 127 -22.40 -2.21 32.57
CA PHE A 127 -23.27 -1.18 32.01
C PHE A 127 -24.36 -0.80 33.00
N LEU A 128 -24.99 -1.77 33.66
CA LEU A 128 -26.04 -1.42 34.61
C LEU A 128 -25.47 -0.63 35.79
N SER A 129 -24.26 -0.98 36.24
CA SER A 129 -23.63 -0.20 37.31
C SER A 129 -23.37 1.23 36.87
N THR A 130 -22.59 1.40 35.81
CA THR A 130 -22.23 2.75 35.35
C THR A 130 -23.44 3.54 34.85
N PHE A 131 -24.58 2.88 34.61
CA PHE A 131 -25.80 3.56 34.23
C PHE A 131 -26.63 3.98 35.43
N SER A 132 -26.64 3.16 36.49
CA SER A 132 -27.49 3.44 37.64
C SER A 132 -26.78 4.29 38.70
N VAL A 133 -25.68 3.79 39.25
CA VAL A 133 -25.20 4.37 40.51
C VAL A 133 -24.55 5.75 40.35
N PRO A 134 -23.84 6.08 39.27
CA PRO A 134 -23.36 7.47 39.18
C PRO A 134 -24.49 8.47 39.07
N TYR A 135 -25.53 8.12 38.31
CA TYR A 135 -26.69 9.00 38.18
C TYR A 135 -27.38 9.20 39.52
N PHE A 136 -27.60 8.11 40.26
CA PHE A 136 -28.26 8.21 41.57
C PHE A 136 -27.42 8.99 42.56
N LEU A 137 -26.10 8.76 42.56
CA LEU A 137 -25.22 9.50 43.45
C LEU A 137 -25.24 10.98 43.13
N PHE A 138 -25.21 11.34 41.84
CA PHE A 138 -25.25 12.75 41.47
C PHE A 138 -26.59 13.38 41.84
N GLN A 139 -27.68 12.63 41.67
CA GLN A 139 -28.99 13.12 42.08
C GLN A 139 -29.01 13.43 43.57
N HIS A 140 -28.57 12.47 44.39
CA HIS A 140 -28.56 12.67 45.84
C HIS A 140 -27.67 13.84 46.23
N TRP A 141 -26.50 13.96 45.60
CA TRP A 141 -25.60 15.05 45.94
C TRP A 141 -26.18 16.40 45.55
N ALA A 142 -26.77 16.51 44.36
CA ALA A 142 -27.35 17.78 43.95
C ALA A 142 -28.49 18.19 44.87
N THR A 143 -29.34 17.23 45.25
CA THR A 143 -30.45 17.54 46.15
C THR A 143 -29.92 18.01 47.51
N GLY A 144 -29.02 17.22 48.12
CA GLY A 144 -28.45 17.60 49.41
C GLY A 144 -27.62 18.86 49.37
N TYR A 145 -27.11 19.24 48.20
CA TYR A 145 -26.33 20.45 48.06
C TYR A 145 -27.22 21.68 47.97
N SER A 146 -28.25 21.62 47.11
CA SER A 146 -29.12 22.77 46.93
C SER A 146 -30.19 22.88 48.01
N LYS A 147 -30.34 21.89 48.88
CA LYS A 147 -31.47 21.88 49.81
C LYS A 147 -31.19 22.61 51.12
N SER A 148 -30.02 22.39 51.71
CA SER A 148 -29.82 22.65 53.14
C SER A 148 -28.51 23.40 53.38
N SER A 149 -28.10 23.46 54.65
CA SER A 149 -26.97 24.27 55.09
C SER A 149 -25.67 23.73 54.50
N HIS A 150 -24.54 24.27 55.00
CA HIS A 150 -23.22 24.19 54.37
C HIS A 150 -22.91 22.77 53.89
N PRO A 151 -22.90 22.55 52.58
CA PRO A 151 -22.66 21.22 52.03
C PRO A 151 -21.21 20.94 51.62
N LEU A 152 -20.27 21.83 51.96
CA LEU A 152 -18.87 21.59 51.60
C LEU A 152 -18.39 20.26 52.15
N ILE A 153 -18.72 19.97 53.41
CA ILE A 153 -18.42 18.65 53.97
C ILE A 153 -19.21 17.57 53.22
N ARG A 154 -20.49 17.83 52.95
CA ARG A 154 -21.29 16.88 52.17
C ARG A 154 -20.80 16.77 50.74
N SER A 155 -20.32 17.87 50.15
CA SER A 155 -19.78 17.81 48.80
C SER A 155 -18.51 16.98 48.75
N LEU A 156 -17.62 17.15 49.74
CA LEU A 156 -16.43 16.31 49.81
C LEU A 156 -16.80 14.85 50.07
N PHE A 157 -17.84 14.61 50.86
CA PHE A 157 -18.29 13.25 51.11
C PHE A 157 -18.78 12.58 49.83
N HIS A 158 -19.62 13.28 49.06
CA HIS A 158 -20.10 12.73 47.80
C HIS A 158 -18.97 12.59 46.78
N GLY A 159 -18.00 13.51 46.81
CA GLY A 159 -16.85 13.38 45.92
C GLY A 159 -16.02 12.15 46.24
N PHE A 160 -15.78 11.90 47.52
CA PHE A 160 -15.12 10.65 47.92
C PHE A 160 -15.95 9.45 47.51
N LEU A 161 -17.28 9.53 47.64
CA LEU A 161 -18.13 8.41 47.26
C LEU A 161 -17.99 8.10 45.77
N PHE A 162 -17.99 9.14 44.93
CA PHE A 162 -17.84 8.89 43.50
C PHE A 162 -16.43 8.39 43.16
N MET A 163 -15.42 8.92 43.85
CA MET A 163 -14.05 8.45 43.62
C MET A 163 -13.91 6.98 43.92
N ILE A 164 -14.40 6.56 45.10
CA ILE A 164 -14.32 5.14 45.45
C ILE A 164 -15.21 4.32 44.53
N PHE A 165 -16.35 4.85 44.11
CA PHE A 165 -17.18 4.11 43.17
C PHE A 165 -16.40 3.82 41.89
N GLN A 166 -15.88 4.87 41.24
CA GLN A 166 -15.17 4.65 39.99
C GLN A 166 -14.00 3.70 40.21
N ILE A 167 -13.14 3.99 41.19
CA ILE A 167 -11.92 3.19 41.38
C ILE A 167 -12.29 1.74 41.69
N GLY A 168 -13.02 1.49 42.77
CA GLY A 168 -13.42 0.14 43.11
C GLY A 168 -14.24 -0.56 42.03
N VAL A 169 -15.44 -0.06 41.74
CA VAL A 169 -16.37 -0.80 40.89
C VAL A 169 -15.85 -0.93 39.46
N LEU A 170 -14.98 -0.03 38.99
CA LEU A 170 -14.57 -0.04 37.59
C LEU A 170 -13.09 -0.36 37.39
N GLY A 171 -12.33 -0.57 38.45
CA GLY A 171 -11.08 -1.29 38.31
C GLY A 171 -11.19 -2.71 38.82
N PHE A 172 -11.66 -2.87 40.06
CA PHE A 172 -11.68 -4.18 40.70
C PHE A 172 -12.54 -5.16 39.91
N GLY A 173 -13.78 -4.78 39.62
CA GLY A 173 -14.66 -5.62 38.83
C GLY A 173 -14.01 -6.10 37.55
N PRO A 174 -13.80 -5.18 36.60
CA PRO A 174 -13.19 -5.59 35.33
C PRO A 174 -11.81 -6.21 35.46
N THR A 175 -10.92 -5.71 36.33
CA THR A 175 -9.59 -6.30 36.36
C THR A 175 -9.60 -7.66 37.07
N TYR A 176 -10.40 -7.80 38.11
CA TYR A 176 -10.36 -9.02 38.90
C TYR A 176 -11.21 -10.13 38.31
N VAL A 177 -12.21 -9.79 37.48
CA VAL A 177 -12.84 -10.81 36.66
C VAL A 177 -11.80 -11.51 35.81
N VAL A 178 -10.91 -10.74 35.18
CA VAL A 178 -9.83 -11.30 34.38
C VAL A 178 -8.91 -12.16 35.23
N LEU A 179 -8.38 -11.57 36.31
CA LEU A 179 -7.39 -12.28 37.11
C LEU A 179 -7.97 -13.43 37.94
N ALA A 180 -9.29 -13.58 37.98
CA ALA A 180 -9.91 -14.70 38.70
C ALA A 180 -10.42 -15.78 37.76
N TYR A 181 -11.14 -15.40 36.69
CA TYR A 181 -11.76 -16.38 35.80
C TYR A 181 -10.84 -16.88 34.71
N THR A 182 -9.66 -16.27 34.53
CA THR A 182 -8.66 -16.70 33.54
C THR A 182 -9.26 -16.76 32.14
N LEU A 183 -9.64 -15.57 31.66
CA LEU A 183 -10.27 -15.44 30.35
C LEU A 183 -9.27 -15.75 29.24
N PRO A 184 -9.74 -15.97 28.03
CA PRO A 184 -8.85 -15.95 26.86
C PRO A 184 -8.24 -14.56 26.69
N PRO A 185 -7.12 -14.45 25.96
CA PRO A 185 -6.44 -13.15 25.90
C PRO A 185 -7.24 -12.08 25.17
N ALA A 186 -7.93 -12.42 24.10
CA ALA A 186 -8.68 -11.41 23.35
C ALA A 186 -9.96 -11.01 24.09
N SER A 187 -10.53 -11.91 24.88
CA SER A 187 -11.74 -11.59 25.63
C SER A 187 -11.46 -10.70 26.83
N ARG A 188 -10.20 -10.61 27.27
CA ARG A 188 -9.84 -9.61 28.27
C ARG A 188 -9.86 -8.22 27.67
N PHE A 189 -9.44 -8.11 26.40
CA PHE A 189 -9.27 -6.79 25.80
C PHE A 189 -10.58 -6.06 25.63
N ILE A 190 -11.65 -6.78 25.25
CA ILE A 190 -12.93 -6.12 25.03
C ILE A 190 -13.44 -5.49 26.32
N ILE A 191 -13.38 -6.24 27.43
CA ILE A 191 -13.91 -5.70 28.68
C ILE A 191 -12.99 -4.65 29.28
N ILE A 192 -11.67 -4.74 29.08
CA ILE A 192 -10.81 -3.70 29.63
C ILE A 192 -10.94 -2.41 28.81
N PHE A 193 -11.10 -2.53 27.49
CA PHE A 193 -11.37 -1.33 26.71
C PHE A 193 -12.72 -0.73 27.10
N GLU A 194 -13.70 -1.59 27.39
CA GLU A 194 -15.00 -1.09 27.82
C GLU A 194 -14.90 -0.37 29.16
N GLN A 195 -14.13 -0.92 30.10
CA GLN A 195 -13.97 -0.25 31.40
C GLN A 195 -13.26 1.08 31.25
N ILE A 196 -12.27 1.15 30.35
CA ILE A 196 -11.57 2.42 30.13
C ILE A 196 -12.55 3.46 29.58
N ARG A 197 -13.33 3.08 28.57
CA ARG A 197 -14.30 4.02 28.01
C ARG A 197 -15.33 4.44 29.05
N PHE A 198 -15.77 3.49 29.88
CA PHE A 198 -16.79 3.78 30.87
C PHE A 198 -16.28 4.74 31.93
N VAL A 199 -15.06 4.52 32.43
CA VAL A 199 -14.54 5.44 33.44
C VAL A 199 -14.30 6.82 32.83
N MET A 200 -13.84 6.88 31.58
CA MET A 200 -13.64 8.17 30.93
C MET A 200 -14.97 8.93 30.81
N LYS A 201 -16.02 8.26 30.35
CA LYS A 201 -17.28 8.96 30.16
C LYS A 201 -17.97 9.27 31.49
N ALA A 202 -17.75 8.46 32.52
CA ALA A 202 -18.30 8.77 33.83
C ALA A 202 -17.64 10.02 34.41
N HIS A 203 -16.30 10.08 34.33
CA HIS A 203 -15.59 11.28 34.76
C HIS A 203 -16.04 12.49 33.96
N SER A 204 -16.29 12.32 32.66
CA SER A 204 -16.78 13.42 31.84
C SER A 204 -18.14 13.90 32.32
N PHE A 205 -19.05 12.95 32.56
CA PHE A 205 -20.37 13.28 33.09
C PHE A 205 -20.26 14.12 34.35
N VAL A 206 -19.45 13.66 35.32
CA VAL A 206 -19.38 14.35 36.60
C VAL A 206 -18.74 15.72 36.44
N ARG A 207 -17.62 15.79 35.70
CA ARG A 207 -16.91 17.07 35.56
C ARG A 207 -17.70 18.08 34.74
N GLU A 208 -18.62 17.64 33.87
CA GLU A 208 -19.45 18.58 33.15
C GLU A 208 -20.65 19.02 33.98
N ASN A 209 -21.20 18.12 34.80
CA ASN A 209 -22.42 18.44 35.54
C ASN A 209 -22.17 19.11 36.89
N VAL A 210 -20.94 19.08 37.40
CA VAL A 210 -20.64 19.75 38.66
C VAL A 210 -20.76 21.27 38.55
N PRO A 211 -20.04 21.94 37.63
CA PRO A 211 -20.02 23.41 37.68
C PRO A 211 -21.36 24.04 37.35
N ARG A 212 -22.18 23.40 36.52
CA ARG A 212 -23.51 23.92 36.24
C ARG A 212 -24.34 23.98 37.52
N VAL A 213 -24.34 22.90 38.29
CA VAL A 213 -25.05 22.88 39.57
C VAL A 213 -24.45 23.90 40.53
N LEU A 214 -23.12 24.02 40.52
CA LEU A 214 -22.47 25.01 41.38
C LEU A 214 -22.97 26.42 41.10
N ASN A 215 -22.94 26.83 39.83
CA ASN A 215 -23.36 28.18 39.48
C ASN A 215 -24.87 28.37 39.65
N SER A 216 -25.66 27.32 39.43
CA SER A 216 -27.11 27.45 39.60
C SER A 216 -27.48 27.59 41.07
N ALA A 217 -26.77 26.89 41.96
CA ALA A 217 -27.01 27.05 43.39
C ALA A 217 -26.44 28.36 43.92
N LYS A 218 -25.38 28.88 43.28
CA LYS A 218 -24.94 30.23 43.60
C LYS A 218 -26.01 31.25 43.19
N GLU A 219 -26.65 31.03 42.06
CA GLU A 219 -27.81 31.84 41.68
C GLU A 219 -29.03 31.51 42.53
N LYS A 220 -29.04 30.34 43.18
CA LYS A 220 -30.04 29.96 44.17
C LYS A 220 -31.44 29.86 43.56
N SER A 221 -31.57 29.00 42.56
CA SER A 221 -32.85 28.64 41.97
C SER A 221 -33.19 27.20 42.34
N SER A 222 -34.44 26.98 42.76
CA SER A 222 -34.86 25.63 43.15
C SER A 222 -34.81 24.67 41.98
N THR A 223 -34.93 25.19 40.75
CA THR A 223 -34.81 24.37 39.55
C THR A 223 -33.33 24.07 39.31
N VAL A 224 -32.90 22.92 39.80
CA VAL A 224 -31.50 22.50 39.66
C VAL A 224 -31.34 21.80 38.32
N PRO A 225 -30.44 22.28 37.45
CA PRO A 225 -30.31 21.69 36.11
C PRO A 225 -29.67 20.31 36.14
N ILE A 226 -30.36 19.34 36.71
CA ILE A 226 -29.88 17.96 36.74
C ILE A 226 -30.21 17.30 35.41
N PRO A 227 -29.37 16.39 34.91
CA PRO A 227 -29.69 15.70 33.66
C PRO A 227 -30.73 14.61 33.86
N THR A 228 -31.38 14.25 32.76
CA THR A 228 -32.41 13.22 32.79
C THR A 228 -31.80 11.84 32.57
N VAL A 229 -32.64 10.81 32.72
CA VAL A 229 -32.18 9.44 32.58
C VAL A 229 -31.96 9.09 31.11
N ASN A 230 -32.85 9.57 30.23
CA ASN A 230 -32.81 9.15 28.83
C ASN A 230 -31.58 9.72 28.11
N GLN A 231 -31.23 10.97 28.37
CA GLN A 231 -30.05 11.52 27.70
C GLN A 231 -28.76 10.90 28.23
N TYR A 232 -28.74 10.48 29.49
CA TYR A 232 -27.58 9.75 29.99
C TYR A 232 -27.49 8.36 29.37
N LEU A 233 -28.64 7.68 29.24
CA LEU A 233 -28.67 6.39 28.56
C LEU A 233 -28.28 6.53 27.10
N TYR A 234 -28.54 7.70 26.50
CA TYR A 234 -28.12 7.95 25.13
C TYR A 234 -26.62 8.19 25.05
N PHE A 235 -26.08 9.00 25.97
CA PHE A 235 -24.65 9.29 25.98
C PHE A 235 -23.81 8.06 26.27
N LEU A 236 -24.35 7.11 27.05
CA LEU A 236 -23.59 5.90 27.34
C LEU A 236 -23.31 5.08 26.08
N PHE A 237 -24.10 5.26 25.03
CA PHE A 237 -23.82 4.64 23.74
C PHE A 237 -23.34 5.63 22.69
N ALA A 238 -23.13 6.89 23.08
CA ALA A 238 -22.73 7.90 22.11
C ALA A 238 -21.29 7.66 21.64
N PRO A 239 -20.98 7.96 20.37
CA PRO A 239 -19.60 7.80 19.92
C PRO A 239 -18.64 8.82 20.51
N THR A 240 -19.14 9.97 20.97
CA THR A 240 -18.29 10.98 21.58
C THR A 240 -17.95 10.59 23.02
N LEU A 241 -17.15 11.42 23.69
CA LEU A 241 -16.69 11.11 25.03
C LEU A 241 -16.84 12.28 25.99
N ILE A 242 -17.59 13.32 25.61
CA ILE A 242 -17.86 14.46 26.48
C ILE A 242 -19.35 14.51 26.73
N TYR A 243 -19.74 14.75 27.99
CA TYR A 243 -21.16 14.69 28.32
C TYR A 243 -21.98 15.77 27.63
N ARG A 244 -21.33 16.82 27.10
CA ARG A 244 -22.07 17.75 26.26
C ARG A 244 -22.39 16.98 24.99
N ASP A 245 -23.54 16.32 24.99
CA ASP A 245 -23.80 15.20 24.09
C ASP A 245 -24.29 15.70 22.74
N SER A 246 -24.81 14.78 21.94
CA SER A 246 -25.20 15.06 20.56
C SER A 246 -26.49 15.87 20.55
N TYR A 247 -26.35 17.15 20.85
CA TYR A 247 -27.48 18.04 20.68
C TYR A 247 -27.63 18.37 19.19
N PRO A 248 -26.53 18.52 18.44
CA PRO A 248 -26.64 18.38 16.98
C PRO A 248 -26.79 16.91 16.60
N ARG A 249 -27.81 16.61 15.80
CA ARG A 249 -28.15 15.23 15.46
C ARG A 249 -28.31 15.12 13.94
N ASN A 250 -28.68 13.89 13.49
CA ASN A 250 -29.03 13.58 12.11
C ASN A 250 -30.54 13.46 11.95
N PRO A 251 -31.07 13.79 10.77
CA PRO A 251 -32.53 13.72 10.59
C PRO A 251 -33.09 12.31 10.70
N THR A 252 -32.57 11.36 9.91
CA THR A 252 -33.13 10.02 9.83
C THR A 252 -32.02 8.97 9.97
N VAL A 253 -32.44 7.71 10.00
CA VAL A 253 -31.54 6.57 10.13
C VAL A 253 -31.56 5.80 8.81
N ARG A 254 -30.46 5.88 8.06
CA ARG A 254 -30.33 5.11 6.83
C ARG A 254 -29.93 3.70 7.20
N TRP A 255 -30.90 2.77 7.17
CA TRP A 255 -30.64 1.42 7.67
C TRP A 255 -29.76 0.62 6.71
N GLY A 256 -29.89 0.85 5.41
CA GLY A 256 -28.93 0.26 4.48
C GLY A 256 -27.51 0.71 4.76
N TYR A 257 -27.35 1.99 5.10
CA TYR A 257 -26.03 2.54 5.41
C TYR A 257 -25.42 1.86 6.64
N VAL A 258 -26.20 1.78 7.72
CA VAL A 258 -25.68 1.19 8.95
C VAL A 258 -25.43 -0.30 8.78
N ALA A 259 -26.29 -0.98 8.00
CA ALA A 259 -26.06 -2.39 7.74
C ALA A 259 -24.78 -2.60 6.94
N MET A 260 -24.57 -1.78 5.91
CA MET A 260 -23.36 -1.89 5.10
C MET A 260 -22.12 -1.67 5.95
N LYS A 261 -22.12 -0.62 6.78
CA LYS A 261 -20.91 -0.32 7.53
C LYS A 261 -20.69 -1.27 8.71
N PHE A 262 -21.78 -1.82 9.28
CA PHE A 262 -21.61 -2.84 10.30
C PHE A 262 -21.06 -4.14 9.71
N ALA A 263 -21.57 -4.52 8.53
CA ALA A 263 -20.95 -5.64 7.82
C ALA A 263 -19.52 -5.33 7.43
N GLN A 264 -19.21 -4.05 7.19
CA GLN A 264 -17.84 -3.65 6.92
C GLN A 264 -16.95 -3.89 8.13
N VAL A 265 -17.44 -3.56 9.33
CA VAL A 265 -16.72 -3.89 10.55
C VAL A 265 -16.53 -5.40 10.66
N PHE A 266 -17.60 -6.14 10.40
CA PHE A 266 -17.56 -7.60 10.54
C PHE A 266 -16.59 -8.23 9.55
N GLY A 267 -16.39 -7.59 8.40
CA GLY A 267 -15.41 -8.04 7.43
C GLY A 267 -13.99 -7.65 7.81
N CYS A 268 -13.81 -6.41 8.26
CA CYS A 268 -12.49 -5.94 8.68
C CYS A 268 -11.96 -6.75 9.85
N PHE A 269 -12.84 -7.23 10.72
CA PHE A 269 -12.38 -8.09 11.81
C PHE A 269 -11.78 -9.38 11.25
N PHE A 270 -12.45 -9.99 10.26
CA PHE A 270 -11.87 -11.17 9.63
C PHE A 270 -10.62 -10.83 8.84
N TYR A 271 -10.51 -9.60 8.34
CA TYR A 271 -9.27 -9.20 7.67
C TYR A 271 -8.12 -9.17 8.67
N VAL A 272 -8.35 -8.60 9.86
CA VAL A 272 -7.38 -8.68 10.95
C VAL A 272 -7.04 -10.14 11.25
N TYR A 273 -8.07 -10.99 11.30
CA TYR A 273 -7.87 -12.39 11.63
C TYR A 273 -6.96 -13.08 10.61
N TYR A 274 -7.25 -12.89 9.32
CA TYR A 274 -6.44 -13.52 8.30
C TYR A 274 -5.03 -12.94 8.26
N ILE A 275 -4.89 -11.64 8.53
CA ILE A 275 -3.56 -11.07 8.63
C ILE A 275 -2.77 -11.75 9.74
N PHE A 276 -3.38 -11.86 10.92
CA PHE A 276 -2.75 -12.53 12.05
C PHE A 276 -2.33 -13.94 11.69
N GLU A 277 -3.25 -14.70 11.08
CA GLU A 277 -2.96 -16.09 10.72
C GLU A 277 -1.83 -16.17 9.71
N ARG A 278 -1.99 -15.56 8.54
CA ARG A 278 -1.04 -15.73 7.45
C ARG A 278 0.28 -15.01 7.65
N LEU A 279 0.41 -14.12 8.63
CA LEU A 279 1.69 -13.45 8.80
C LEU A 279 2.30 -13.64 10.19
N CYS A 280 1.49 -13.61 11.25
CA CYS A 280 2.01 -13.78 12.59
C CYS A 280 2.18 -15.24 12.99
N ALA A 281 1.61 -16.18 12.23
CA ALA A 281 1.88 -17.58 12.50
C ALA A 281 3.24 -18.01 11.95
N PRO A 282 3.53 -17.80 10.66
CA PRO A 282 4.82 -18.28 10.13
C PRO A 282 6.02 -17.60 10.76
N LEU A 283 5.91 -16.31 11.10
CA LEU A 283 7.04 -15.58 11.66
C LEU A 283 7.26 -15.86 13.13
N PHE A 284 6.28 -16.40 13.84
CA PHE A 284 6.31 -16.42 15.30
C PHE A 284 5.99 -17.76 15.95
N ARG A 285 5.41 -18.72 15.23
CA ARG A 285 4.96 -19.97 15.86
C ARG A 285 6.16 -20.85 16.18
N ASN A 286 6.86 -20.47 17.25
CA ASN A 286 7.83 -21.33 17.93
C ASN A 286 9.00 -21.72 17.02
N ILE A 287 9.59 -20.72 16.35
CA ILE A 287 10.92 -20.88 15.76
C ILE A 287 11.91 -20.41 16.83
N LYS A 288 12.22 -21.33 17.76
CA LYS A 288 12.90 -20.99 18.99
C LYS A 288 14.14 -21.86 19.20
N GLN A 289 14.91 -22.09 18.13
CA GLN A 289 16.24 -22.69 18.26
C GLN A 289 17.23 -21.54 18.43
N GLU A 290 17.27 -21.01 19.66
CA GLU A 290 17.81 -19.70 20.01
C GLU A 290 19.17 -19.41 19.41
N PRO A 291 19.25 -18.52 18.41
CA PRO A 291 20.55 -17.95 18.02
C PRO A 291 20.87 -16.69 18.79
N PHE A 292 19.83 -15.98 19.24
CA PHE A 292 19.95 -14.64 19.83
C PHE A 292 20.82 -13.74 18.97
N SER A 293 20.70 -13.89 17.65
CA SER A 293 21.45 -13.07 16.71
C SER A 293 20.72 -11.76 16.47
N ALA A 294 21.51 -10.68 16.38
CA ALA A 294 20.93 -9.39 16.00
C ALA A 294 20.35 -9.44 14.59
N ARG A 295 20.85 -10.34 13.75
CA ARG A 295 20.31 -10.49 12.40
C ARG A 295 18.87 -10.99 12.44
N VAL A 296 18.59 -12.02 13.25
CA VAL A 296 17.23 -12.54 13.33
C VAL A 296 16.30 -11.51 13.94
N LEU A 297 16.78 -10.74 14.91
CA LEU A 297 15.94 -9.73 15.54
C LEU A 297 15.62 -8.59 14.56
N VAL A 298 16.61 -8.12 13.81
CA VAL A 298 16.34 -7.06 12.85
C VAL A 298 15.48 -7.58 11.71
N LEU A 299 15.59 -8.87 11.36
CA LEU A 299 14.72 -9.41 10.34
C LEU A 299 13.30 -9.58 10.85
N CYS A 300 13.12 -9.83 12.15
CA CYS A 300 11.76 -9.82 12.71
C CYS A 300 11.18 -8.42 12.68
N VAL A 301 11.93 -7.43 13.15
CA VAL A 301 11.43 -6.06 13.15
C VAL A 301 11.25 -5.54 11.73
N PHE A 302 11.86 -6.20 10.74
CA PHE A 302 11.60 -5.85 9.34
C PHE A 302 10.34 -6.53 8.83
N ASN A 303 10.26 -7.87 8.97
CA ASN A 303 9.17 -8.64 8.39
C ASN A 303 7.84 -8.46 9.11
N SER A 304 7.84 -7.91 10.33
CA SER A 304 6.60 -7.67 11.05
C SER A 304 6.01 -6.30 10.75
N ILE A 305 6.67 -5.50 9.91
CA ILE A 305 6.17 -4.16 9.61
C ILE A 305 4.95 -4.24 8.69
N LEU A 306 5.03 -5.03 7.62
CA LEU A 306 3.88 -5.19 6.74
C LEU A 306 2.65 -5.67 7.49
N PRO A 307 2.69 -6.74 8.28
CA PRO A 307 1.53 -7.05 9.14
C PRO A 307 1.23 -5.92 10.10
N GLY A 308 2.27 -5.28 10.65
CA GLY A 308 2.05 -4.17 11.55
C GLY A 308 1.34 -3.00 10.90
N VAL A 309 1.84 -2.56 9.75
CA VAL A 309 1.25 -1.37 9.11
C VAL A 309 -0.13 -1.69 8.57
N LEU A 310 -0.33 -2.93 8.07
CA LEU A 310 -1.65 -3.33 7.62
C LEU A 310 -2.64 -3.37 8.78
N ILE A 311 -2.21 -3.90 9.93
CA ILE A 311 -3.08 -3.95 11.10
C ILE A 311 -3.41 -2.54 11.57
N LEU A 312 -2.42 -1.64 11.59
CA LEU A 312 -2.69 -0.27 12.06
C LEU A 312 -3.68 0.43 11.13
N PHE A 313 -3.39 0.47 9.83
CA PHE A 313 -4.30 1.08 8.87
C PHE A 313 -5.69 0.46 8.99
N LEU A 314 -5.76 -0.87 8.99
CA LEU A 314 -7.06 -1.55 8.96
C LEU A 314 -7.83 -1.32 10.24
N THR A 315 -7.15 -1.31 11.39
CA THR A 315 -7.88 -1.14 12.64
C THR A 315 -8.32 0.30 12.82
N PHE A 316 -7.50 1.27 12.39
CA PHE A 316 -7.95 2.65 12.29
C PHE A 316 -9.25 2.72 11.52
N PHE A 317 -9.20 2.28 10.25
CA PHE A 317 -10.38 2.26 9.40
C PHE A 317 -11.56 1.58 10.09
N ALA A 318 -11.40 0.30 10.43
CA ALA A 318 -12.48 -0.51 10.98
C ALA A 318 -13.07 0.17 12.20
N PHE A 319 -12.29 0.21 13.29
CA PHE A 319 -12.81 0.69 14.55
C PHE A 319 -13.34 2.10 14.36
N LEU A 320 -12.47 3.08 14.11
CA LEU A 320 -12.96 4.45 14.09
C LEU A 320 -14.04 4.59 13.03
N HIS A 321 -13.64 4.51 11.76
CA HIS A 321 -14.55 4.85 10.68
C HIS A 321 -15.81 4.03 10.78
N CYS A 322 -15.76 2.72 10.55
CA CYS A 322 -17.04 2.06 10.40
C CYS A 322 -17.67 1.68 11.73
N TRP A 323 -16.89 1.33 12.76
CA TRP A 323 -17.52 1.02 14.04
C TRP A 323 -18.29 2.21 14.58
N LEU A 324 -17.59 3.31 14.76
CA LEU A 324 -18.17 4.54 15.28
C LEU A 324 -19.26 5.07 14.35
N ASN A 325 -19.04 4.96 13.05
CA ASN A 325 -20.02 5.51 12.11
C ASN A 325 -21.30 4.68 12.08
N ALA A 326 -21.19 3.36 12.30
CA ALA A 326 -22.37 2.54 12.47
C ALA A 326 -23.10 2.91 13.76
N PHE A 327 -22.36 3.04 14.87
CA PHE A 327 -23.04 3.50 16.07
C PHE A 327 -23.35 4.99 16.03
N ALA A 328 -22.94 5.71 14.99
CA ALA A 328 -23.33 7.10 14.78
C ALA A 328 -24.67 7.19 14.05
N GLU A 329 -24.76 6.58 12.87
CA GLU A 329 -25.97 6.65 12.08
C GLU A 329 -27.09 5.77 12.63
N MET A 330 -26.76 4.76 13.41
CA MET A 330 -27.77 4.00 14.13
C MET A 330 -28.29 4.74 15.36
N LEU A 331 -27.50 5.69 15.87
CA LEU A 331 -27.88 6.48 17.04
C LEU A 331 -28.29 7.89 16.67
N ARG A 332 -28.51 8.17 15.39
CA ARG A 332 -28.92 9.48 14.90
C ARG A 332 -27.91 10.59 15.20
N PHE A 333 -26.65 10.24 15.48
CA PHE A 333 -25.58 11.22 15.66
C PHE A 333 -24.40 10.82 14.79
N GLY A 334 -24.46 11.19 13.52
CA GLY A 334 -23.31 11.12 12.64
C GLY A 334 -22.85 12.53 12.37
N ASP A 335 -23.17 13.43 13.32
CA ASP A 335 -22.99 14.86 13.17
C ASP A 335 -21.66 15.35 13.74
N ARG A 336 -20.61 14.53 13.67
CA ARG A 336 -19.28 14.96 14.10
C ARG A 336 -18.25 14.03 13.50
N MET A 337 -17.17 14.60 12.96
CA MET A 337 -16.02 13.82 12.56
C MET A 337 -15.17 13.49 13.79
N PHE A 338 -14.48 12.35 13.72
CA PHE A 338 -13.72 11.88 14.87
C PHE A 338 -12.25 11.63 14.54
N TYR A 339 -11.78 12.14 13.40
CA TYR A 339 -10.38 12.07 13.01
C TYR A 339 -10.17 12.93 11.78
N LYS A 340 -9.21 13.85 11.81
CA LYS A 340 -8.81 14.52 10.57
C LYS A 340 -7.83 13.61 9.84
N ASP A 341 -7.19 14.13 8.80
CA ASP A 341 -6.18 13.36 8.07
C ASP A 341 -4.94 13.22 8.94
N TRP A 342 -4.72 12.02 9.49
CA TRP A 342 -3.52 11.82 10.29
C TRP A 342 -2.29 11.46 9.47
N TRP A 343 -2.47 11.17 8.17
CA TRP A 343 -1.31 10.98 7.31
C TRP A 343 -0.68 12.32 6.95
N ASN A 344 -1.49 13.35 6.72
CA ASN A 344 -1.00 14.71 6.53
C ASN A 344 -0.62 15.26 7.90
N SER A 345 0.55 14.84 8.38
CA SER A 345 1.01 15.21 9.72
C SER A 345 2.54 15.28 9.70
N THR A 346 3.06 16.50 9.73
CA THR A 346 4.51 16.72 9.73
C THR A 346 5.09 16.68 11.13
N SER A 347 4.55 17.50 12.03
CA SER A 347 5.03 17.56 13.40
C SER A 347 4.27 16.57 14.28
N TYR A 348 4.86 16.27 15.44
CA TYR A 348 4.26 15.28 16.34
C TYR A 348 2.96 15.79 16.93
N SER A 349 2.94 17.07 17.33
CA SER A 349 1.75 17.63 17.94
C SER A 349 0.52 17.40 17.08
N ASN A 350 0.64 17.63 15.77
CA ASN A 350 -0.50 17.40 14.89
C ASN A 350 -0.87 15.93 14.81
N TYR A 351 0.13 15.04 14.75
CA TYR A 351 -0.16 13.61 14.68
C TYR A 351 -1.01 13.17 15.87
N TYR A 352 -0.59 13.51 17.09
CA TYR A 352 -1.45 13.18 18.22
C TYR A 352 -2.77 13.96 18.15
N ARG A 353 -2.74 15.17 17.59
CA ARG A 353 -3.92 16.01 17.54
C ARG A 353 -5.03 15.36 16.72
N THR A 354 -4.69 14.62 15.68
CA THR A 354 -5.71 14.08 14.79
C THR A 354 -5.50 12.59 14.52
N TRP A 355 -5.24 11.82 15.57
CA TRP A 355 -5.45 10.37 15.53
C TRP A 355 -6.43 10.05 16.65
N ASN A 356 -7.63 9.61 16.29
CA ASN A 356 -8.68 9.30 17.25
C ASN A 356 -8.98 10.52 18.13
N VAL A 357 -9.54 11.54 17.48
CA VAL A 357 -9.81 12.82 18.13
C VAL A 357 -10.83 12.70 19.26
N VAL A 358 -11.51 11.57 19.41
CA VAL A 358 -12.36 11.37 20.59
C VAL A 358 -11.51 11.34 21.85
N VAL A 359 -10.58 10.39 21.90
CA VAL A 359 -9.66 10.28 23.04
C VAL A 359 -8.85 11.56 23.18
N HIS A 360 -8.41 12.13 22.05
CA HIS A 360 -7.63 13.36 22.12
C HIS A 360 -8.44 14.49 22.74
N ASP A 361 -9.71 14.63 22.36
CA ASP A 361 -10.53 15.72 22.90
C ASP A 361 -10.78 15.52 24.38
N TRP A 362 -11.13 14.31 24.79
CA TRP A 362 -11.34 14.04 26.21
C TRP A 362 -10.09 14.35 27.01
N LEU A 363 -8.97 13.74 26.62
CA LEU A 363 -7.71 13.97 27.31
C LEU A 363 -7.36 15.45 27.35
N TYR A 364 -7.32 16.10 26.18
CA TYR A 364 -6.98 17.50 26.07
C TYR A 364 -7.84 18.32 27.01
N TYR A 365 -9.15 18.39 26.77
CA TYR A 365 -10.00 19.24 27.60
C TYR A 365 -9.81 18.91 29.07
N TYR A 366 -10.25 17.73 29.50
CA TYR A 366 -10.31 17.48 30.94
C TYR A 366 -8.93 17.41 31.54
N ALA A 367 -8.11 16.43 31.12
CA ALA A 367 -6.79 16.27 31.70
C ALA A 367 -5.99 17.56 31.55
N TYR A 368 -5.72 17.98 30.30
CA TYR A 368 -4.88 19.15 30.06
C TYR A 368 -5.33 20.34 30.90
N LYS A 369 -6.55 20.84 30.67
CA LYS A 369 -6.96 22.08 31.31
C LYS A 369 -7.03 21.93 32.83
N ASP A 370 -7.82 20.95 33.32
CA ASP A 370 -8.05 20.85 34.75
C ASP A 370 -6.76 20.50 35.49
N PHE A 371 -6.08 19.43 35.08
CA PHE A 371 -4.80 19.04 35.66
C PHE A 371 -3.72 20.10 35.47
N LEU A 372 -3.91 21.06 34.57
CA LEU A 372 -2.92 22.11 34.38
C LEU A 372 -3.13 23.28 35.35
N TRP A 373 -4.35 23.79 35.44
CA TRP A 373 -4.57 24.87 36.40
C TRP A 373 -4.50 24.39 37.84
N PHE A 374 -4.54 23.07 38.07
CA PHE A 374 -4.35 22.55 39.41
C PHE A 374 -2.90 22.66 39.86
N PHE A 375 -1.96 22.66 38.91
CA PHE A 375 -0.54 22.80 39.23
C PHE A 375 0.02 24.13 38.77
N SER A 376 -0.04 24.43 37.47
CA SER A 376 0.56 25.63 36.90
C SER A 376 1.99 25.84 37.41
N LYS A 377 2.79 24.78 37.28
CA LYS A 377 4.14 24.78 37.84
C LYS A 377 5.05 25.72 37.04
N ARG A 378 6.31 25.82 37.49
CA ARG A 378 7.28 26.65 36.77
C ARG A 378 7.77 26.01 35.49
N PHE A 379 7.63 24.69 35.36
CA PHE A 379 7.99 23.96 34.14
C PHE A 379 6.69 23.41 33.54
N LYS A 380 6.04 24.24 32.72
CA LYS A 380 4.80 23.87 32.06
C LYS A 380 5.02 23.38 30.63
N SER A 381 6.27 23.12 30.25
CA SER A 381 6.54 22.52 28.95
C SER A 381 6.04 21.09 28.86
N ALA A 382 5.86 20.43 30.00
CA ALA A 382 5.31 19.08 30.05
C ALA A 382 3.79 19.05 30.00
N ALA A 383 3.16 20.21 29.72
CA ALA A 383 1.70 20.28 29.67
C ALA A 383 1.09 19.19 28.79
N MET A 384 1.79 18.82 27.72
CA MET A 384 1.42 17.64 26.95
C MET A 384 2.21 16.40 27.41
N LEU A 385 3.51 16.57 27.66
CA LEU A 385 4.36 15.45 28.04
C LEU A 385 3.82 14.73 29.26
N ALA A 386 3.06 15.43 30.10
CA ALA A 386 2.41 14.77 31.23
C ALA A 386 1.28 13.87 30.77
N VAL A 387 0.30 14.44 30.06
CA VAL A 387 -0.92 13.69 29.75
C VAL A 387 -0.58 12.49 28.88
N PHE A 388 0.20 12.71 27.82
CA PHE A 388 0.67 11.61 27.00
C PHE A 388 1.24 10.49 27.85
N ALA A 389 2.07 10.86 28.84
CA ALA A 389 2.63 9.89 29.76
C ALA A 389 1.55 8.98 30.33
N VAL A 390 0.54 9.56 30.98
CA VAL A 390 -0.51 8.72 31.54
C VAL A 390 -1.25 7.99 30.44
N SER A 391 -1.43 8.66 29.29
CA SER A 391 -1.94 7.96 28.11
C SER A 391 -1.10 6.73 27.84
N ALA A 392 0.22 6.92 27.74
CA ALA A 392 1.14 5.80 27.64
C ALA A 392 0.79 4.72 28.66
N VAL A 393 0.73 5.09 29.94
CA VAL A 393 0.55 4.07 30.97
C VAL A 393 -0.80 3.39 30.81
N VAL A 394 -1.84 4.14 30.38
CA VAL A 394 -3.13 3.50 30.22
C VAL A 394 -3.06 2.51 29.05
N HIS A 395 -2.36 2.89 27.98
CA HIS A 395 -2.09 1.92 26.93
C HIS A 395 -1.28 0.76 27.48
N GLU A 396 -0.27 1.07 28.31
CA GLU A 396 0.45 0.00 29.01
C GLU A 396 -0.52 -0.86 29.79
N TYR A 397 -1.45 -0.23 30.51
CA TYR A 397 -2.46 -0.99 31.24
C TYR A 397 -3.30 -1.81 30.28
N ALA A 398 -3.67 -1.22 29.14
CA ALA A 398 -4.42 -1.96 28.13
C ALA A 398 -3.64 -3.16 27.62
N LEU A 399 -2.31 -3.08 27.65
CA LEU A 399 -1.45 -4.20 27.28
C LEU A 399 -0.90 -4.94 28.48
N ALA A 400 -1.29 -4.54 29.69
CA ALA A 400 -0.88 -5.25 30.89
C ALA A 400 -1.84 -6.36 31.27
N VAL A 401 -3.13 -6.17 31.01
CA VAL A 401 -4.13 -7.14 31.44
C VAL A 401 -4.25 -8.28 30.44
N CYS A 402 -4.54 -7.96 29.19
CA CYS A 402 -4.82 -9.00 28.20
C CYS A 402 -3.56 -9.75 27.78
N LEU A 403 -2.38 -9.14 27.90
CA LEU A 403 -1.14 -9.82 27.58
C LEU A 403 -0.51 -10.53 28.76
N SER A 404 -1.03 -10.31 29.97
CA SER A 404 -0.51 -10.90 31.21
C SER A 404 0.94 -10.51 31.47
N PHE A 405 1.41 -9.41 30.88
CA PHE A 405 2.75 -8.89 31.11
C PHE A 405 2.65 -7.49 31.72
N PHE A 406 3.82 -6.86 31.85
CA PHE A 406 3.89 -5.40 32.00
C PHE A 406 5.01 -4.86 31.12
N TYR A 407 5.55 -5.66 30.21
CA TYR A 407 6.71 -5.33 29.38
C TYR A 407 6.43 -4.04 28.62
N PRO A 408 7.04 -2.93 29.05
CA PRO A 408 6.64 -1.60 28.55
C PRO A 408 7.46 -1.12 27.37
N VAL A 409 7.47 -1.91 26.29
CA VAL A 409 8.17 -1.45 25.09
C VAL A 409 7.40 -0.31 24.44
N LEU A 410 6.07 -0.28 24.59
CA LEU A 410 5.31 0.85 24.09
C LEU A 410 5.64 2.13 24.85
N PHE A 411 5.85 2.02 26.16
CA PHE A 411 6.14 3.19 26.98
C PHE A 411 7.47 3.83 26.57
N VAL A 412 8.56 3.04 26.61
CA VAL A 412 9.87 3.57 26.25
C VAL A 412 9.92 3.92 24.78
N LEU A 413 9.17 3.21 23.94
CA LEU A 413 9.09 3.55 22.53
C LEU A 413 8.49 4.95 22.35
N PHE A 414 7.37 5.21 23.02
CA PHE A 414 6.75 6.53 22.96
C PHE A 414 7.66 7.61 23.52
N MET A 415 8.40 7.29 24.59
CA MET A 415 9.29 8.28 25.18
C MET A 415 10.42 8.64 24.22
N PHE A 416 11.05 7.63 23.62
CA PHE A 416 12.09 7.88 22.63
C PHE A 416 11.54 8.66 21.44
N PHE A 417 10.39 8.21 20.93
CA PHE A 417 9.65 8.91 19.87
C PHE A 417 9.54 10.41 20.15
N GLY A 418 8.90 10.75 21.28
CA GLY A 418 8.66 12.14 21.59
C GLY A 418 9.94 12.92 21.84
N MET A 419 10.78 12.43 22.75
CA MET A 419 11.99 13.15 23.11
C MET A 419 13.03 13.19 22.00
N ALA A 420 12.83 12.45 20.91
CA ALA A 420 13.73 12.52 19.76
C ALA A 420 13.19 13.39 18.65
N PHE A 421 11.87 13.38 18.40
CA PHE A 421 11.31 14.14 17.30
C PHE A 421 10.54 15.38 17.74
N ASN A 422 10.65 15.77 19.01
CA ASN A 422 10.13 17.08 19.42
C ASN A 422 11.16 18.19 19.15
N PHE A 423 12.44 17.87 19.20
CA PHE A 423 13.49 18.83 18.89
C PHE A 423 13.83 18.82 17.41
N PRO A 432 7.78 18.63 4.64
CA PRO A 432 7.63 17.40 3.84
C PRO A 432 8.60 16.30 4.26
N ILE A 433 9.87 16.64 4.48
CA ILE A 433 10.83 15.64 4.96
C ILE A 433 10.44 15.15 6.34
N TRP A 434 9.83 16.02 7.14
CA TRP A 434 9.32 15.58 8.44
C TRP A 434 8.19 14.57 8.29
N ASN A 435 7.42 14.66 7.20
CA ASN A 435 6.39 13.65 6.96
C ASN A 435 7.02 12.28 6.70
N VAL A 436 8.11 12.27 5.94
CA VAL A 436 8.82 11.02 5.67
C VAL A 436 9.44 10.46 6.94
N LEU A 437 10.04 11.33 7.75
CA LEU A 437 10.58 10.87 9.03
C LEU A 437 9.48 10.29 9.91
N MET A 438 8.31 10.94 9.92
CA MET A 438 7.19 10.45 10.71
C MET A 438 6.76 9.07 10.22
N TRP A 439 6.68 8.88 8.91
CA TRP A 439 6.23 7.59 8.40
C TRP A 439 7.25 6.49 8.66
N THR A 440 8.55 6.79 8.51
CA THR A 440 9.54 5.75 8.74
C THR A 440 9.63 5.40 10.21
N SER A 441 9.52 6.40 11.10
CA SER A 441 9.54 6.10 12.52
C SER A 441 8.27 5.37 12.94
N LEU A 442 7.13 5.68 12.30
CA LEU A 442 5.90 4.96 12.60
C LEU A 442 6.01 3.50 12.16
N PHE A 443 6.54 3.25 10.97
CA PHE A 443 6.76 1.87 10.53
C PHE A 443 7.66 1.13 11.50
N LEU A 444 8.81 1.73 11.84
CA LEU A 444 9.77 1.04 12.68
C LEU A 444 9.21 0.78 14.08
N GLY A 445 8.52 1.77 14.65
CA GLY A 445 7.96 1.58 15.97
C GLY A 445 6.85 0.56 15.99
N ASN A 446 5.93 0.63 15.02
CA ASN A 446 4.89 -0.37 14.89
C ASN A 446 5.49 -1.76 14.79
N GLY A 447 6.49 -1.92 13.92
CA GLY A 447 7.11 -3.22 13.73
C GLY A 447 7.79 -3.74 14.98
N VAL A 448 8.54 -2.86 15.67
CA VAL A 448 9.27 -3.32 16.84
C VAL A 448 8.31 -3.68 17.98
N LEU A 449 7.26 -2.87 18.17
CA LEU A 449 6.30 -3.20 19.22
C LEU A 449 5.58 -4.51 18.90
N LEU A 450 5.21 -4.72 17.65
CA LEU A 450 4.48 -5.95 17.30
C LEU A 450 5.37 -7.17 17.46
N CYS A 451 6.61 -7.11 16.93
CA CYS A 451 7.51 -8.25 17.07
C CYS A 451 7.84 -8.53 18.53
N PHE A 452 8.10 -7.48 19.31
CA PHE A 452 8.44 -7.68 20.72
C PHE A 452 7.27 -8.31 21.48
N TYR A 453 6.07 -7.78 21.29
CA TYR A 453 4.92 -8.32 22.01
C TYR A 453 4.63 -9.76 21.61
N SER A 454 4.63 -10.04 20.30
CA SER A 454 4.35 -11.41 19.86
C SER A 454 5.46 -12.37 20.32
N GLN A 455 6.71 -11.92 20.25
CA GLN A 455 7.84 -12.76 20.67
C GLN A 455 7.75 -13.09 22.14
N GLU A 456 7.50 -12.08 22.98
CA GLU A 456 7.40 -12.33 24.41
C GLU A 456 6.17 -13.16 24.75
N TRP A 457 5.06 -12.94 24.06
CA TRP A 457 3.86 -13.74 24.28
C TRP A 457 4.13 -15.21 23.99
N TYR A 458 4.76 -15.50 22.84
CA TYR A 458 5.01 -16.90 22.48
C TYR A 458 6.14 -17.50 23.31
N ALA A 459 7.07 -16.67 23.79
CA ALA A 459 8.16 -17.18 24.62
C ALA A 459 7.66 -17.54 26.02
N ARG A 460 6.70 -16.76 26.54
CA ARG A 460 6.05 -17.14 27.79
C ARG A 460 5.05 -18.27 27.58
N GLN A 461 4.50 -18.39 26.38
CA GLN A 461 3.68 -19.54 26.02
C GLN A 461 4.52 -20.81 25.96
N HIS A 462 5.81 -20.67 25.64
CA HIS A 462 6.70 -21.83 25.58
C HIS A 462 6.81 -22.51 26.93
N CYS A 463 7.23 -21.77 27.95
CA CYS A 463 7.33 -22.29 29.30
C CYS A 463 6.65 -21.32 30.26
N PRO A 464 5.80 -21.80 31.17
CA PRO A 464 5.03 -20.88 32.02
C PRO A 464 5.86 -20.15 33.06
N LEU A 465 7.08 -20.63 33.36
CA LEU A 465 7.94 -20.03 34.37
C LEU A 465 7.23 -19.94 35.73
N LYS A 466 6.48 -20.98 36.06
CA LYS A 466 5.72 -21.01 37.31
C LYS A 466 6.62 -21.34 38.50
N ASP A 472 4.62 -11.20 40.42
CA ASP A 472 5.76 -10.42 39.97
C ASP A 472 6.33 -11.01 38.68
N TYR A 473 6.27 -10.25 37.59
CA TYR A 473 6.66 -10.68 36.26
C TYR A 473 7.69 -9.73 35.66
N VAL A 474 8.75 -9.45 36.41
CA VAL A 474 9.76 -8.48 35.98
C VAL A 474 10.55 -9.02 34.81
N ARG A 475 10.27 -8.52 33.60
CA ARG A 475 10.93 -8.81 32.34
C ARG A 475 11.19 -10.31 32.14
N PRO A 476 10.15 -11.12 31.96
CA PRO A 476 10.36 -12.55 31.72
C PRO A 476 10.46 -12.84 30.22
N ARG A 477 10.78 -14.09 29.93
CA ARG A 477 10.82 -14.64 28.57
C ARG A 477 11.80 -13.91 27.65
N SER A 478 12.64 -13.03 28.19
CA SER A 478 13.69 -12.42 27.37
C SER A 478 14.72 -13.44 26.92
N TRP A 479 14.86 -14.54 27.65
CA TRP A 479 15.64 -15.68 27.20
C TRP A 479 14.72 -16.67 26.49
N THR A 480 15.17 -17.17 25.34
CA THR A 480 14.40 -18.16 24.60
C THR A 480 14.35 -19.45 25.39
N CYS A 481 13.16 -19.83 25.83
CA CYS A 481 12.99 -21.00 26.69
C CYS A 481 13.15 -22.29 25.90
N GLN B 53 -8.49 9.07 -38.43
CA GLN B 53 -7.52 8.29 -39.20
C GLN B 53 -6.11 8.44 -38.62
N GLY B 54 -5.83 9.58 -38.01
CA GLY B 54 -4.54 9.81 -37.40
C GLY B 54 -4.61 10.06 -35.91
N LYS B 55 -3.59 10.71 -35.35
CA LYS B 55 -3.54 11.03 -33.93
C LYS B 55 -3.23 12.51 -33.74
N ILE B 56 -3.80 13.09 -32.69
CA ILE B 56 -3.58 14.49 -32.34
C ILE B 56 -2.83 14.53 -31.02
N PHE B 57 -1.68 15.20 -31.02
CA PHE B 57 -0.88 15.39 -29.81
C PHE B 57 -1.30 16.70 -29.15
N ILE B 58 -1.90 16.60 -27.96
CA ILE B 58 -2.28 17.77 -27.17
C ILE B 58 -1.34 17.86 -25.99
N ALA B 59 -1.01 19.08 -25.59
CA ALA B 59 0.10 19.37 -24.68
C ALA B 59 -0.27 19.17 -23.20
N ARG B 60 -1.29 18.37 -22.91
CA ARG B 60 -1.67 18.12 -21.53
C ARG B 60 -0.52 17.45 -20.76
N ARG B 61 -0.41 17.80 -19.49
CA ARG B 61 0.65 17.30 -18.62
C ARG B 61 0.38 15.85 -18.24
N SER B 62 1.41 15.18 -17.72
CA SER B 62 1.26 13.81 -17.27
C SER B 62 0.20 13.71 -16.19
N LEU B 63 -0.50 12.58 -16.15
CA LEU B 63 -1.60 12.41 -15.20
C LEU B 63 -1.07 12.34 -13.78
N LEU B 64 -0.06 11.50 -13.54
CA LEU B 64 0.42 11.33 -12.18
C LEU B 64 1.09 12.58 -11.65
N ASP B 65 1.70 13.39 -12.52
CA ASP B 65 2.33 14.63 -12.07
C ASP B 65 1.28 15.63 -11.60
N GLU B 66 0.13 15.69 -12.29
CA GLU B 66 -0.95 16.55 -11.82
C GLU B 66 -1.59 16.01 -10.56
N LEU B 67 -1.69 14.68 -10.46
CA LEU B 67 -2.39 14.05 -9.34
C LEU B 67 -1.56 14.05 -8.06
N LEU B 68 -0.23 14.04 -8.18
CA LEU B 68 0.65 13.95 -7.03
C LEU B 68 0.63 15.22 -6.19
N GLU B 69 0.04 16.30 -6.67
CA GLU B 69 0.00 17.54 -5.90
C GLU B 69 -0.97 17.45 -4.74
N VAL B 70 -2.03 16.67 -4.88
CA VAL B 70 -2.98 16.48 -3.78
C VAL B 70 -2.28 15.80 -2.62
N ASP B 71 -2.57 16.27 -1.40
CA ASP B 71 -1.74 15.94 -0.24
C ASP B 71 -1.85 14.47 0.16
N HIS B 72 -2.97 13.82 -0.15
CA HIS B 72 -3.14 12.41 0.23
C HIS B 72 -2.22 11.51 -0.58
N ILE B 73 -2.25 11.64 -1.91
CA ILE B 73 -1.33 10.88 -2.75
C ILE B 73 0.10 11.33 -2.50
N ARG B 74 0.29 12.60 -2.17
CA ARG B 74 1.59 13.06 -1.70
C ARG B 74 2.07 12.24 -0.51
N THR B 75 1.18 11.97 0.44
CA THR B 75 1.56 11.16 1.60
C THR B 75 1.81 9.72 1.21
N ILE B 76 1.10 9.20 0.21
CA ILE B 76 1.40 7.85 -0.28
C ILE B 76 2.82 7.79 -0.82
N TYR B 77 3.20 8.81 -1.59
CA TYR B 77 4.56 8.89 -2.13
C TYR B 77 5.60 8.99 -1.02
N HIS B 78 5.31 9.81 -0.01
CA HIS B 78 6.24 9.92 1.11
C HIS B 78 6.32 8.60 1.89
N MET B 79 5.21 7.87 1.98
CA MET B 79 5.21 6.56 2.62
C MET B 79 6.10 5.60 1.86
N PHE B 80 5.98 5.60 0.53
CA PHE B 80 6.83 4.78 -0.31
C PHE B 80 8.32 5.09 -0.05
N ILE B 81 8.70 6.38 -0.08
CA ILE B 81 10.13 6.67 0.06
C ILE B 81 10.60 6.47 1.50
N ALA B 82 9.70 6.58 2.47
CA ALA B 82 10.06 6.22 3.84
C ALA B 82 10.29 4.72 3.96
N LEU B 83 9.47 3.93 3.26
CA LEU B 83 9.71 2.49 3.21
C LEU B 83 11.07 2.20 2.59
N LEU B 84 11.45 2.97 1.57
CA LEU B 84 12.76 2.79 0.96
C LEU B 84 13.88 3.14 1.93
N ILE B 85 13.73 4.23 2.69
CA ILE B 85 14.71 4.59 3.70
C ILE B 85 14.83 3.48 4.74
N LEU B 86 13.70 2.90 5.13
CA LEU B 86 13.72 1.77 6.05
C LEU B 86 14.45 0.57 5.44
N PHE B 87 14.23 0.34 4.13
CA PHE B 87 14.95 -0.72 3.43
C PHE B 87 16.46 -0.52 3.51
N ILE B 88 16.93 0.68 3.18
CA ILE B 88 18.37 0.92 3.14
C ILE B 88 18.96 0.86 4.54
N LEU B 89 18.23 1.34 5.55
CA LEU B 89 18.71 1.24 6.92
C LEU B 89 18.81 -0.22 7.36
N SER B 90 17.78 -1.03 7.04
CA SER B 90 17.83 -2.44 7.38
C SER B 90 18.99 -3.13 6.68
N THR B 91 19.24 -2.77 5.41
CA THR B 91 20.34 -3.40 4.68
C THR B 91 21.69 -3.04 5.29
N LEU B 92 21.89 -1.76 5.63
CA LEU B 92 23.15 -1.37 6.25
C LEU B 92 23.34 -2.04 7.61
N VAL B 93 22.25 -2.16 8.38
CA VAL B 93 22.36 -2.83 9.68
C VAL B 93 22.70 -4.30 9.50
N VAL B 94 22.06 -4.98 8.54
CA VAL B 94 22.35 -6.39 8.30
C VAL B 94 23.78 -6.58 7.85
N ASP B 95 24.29 -5.67 7.01
CA ASP B 95 25.68 -5.78 6.57
C ASP B 95 26.64 -5.54 7.72
N TYR B 96 26.35 -4.55 8.57
CA TYR B 96 27.21 -4.29 9.72
C TYR B 96 27.17 -5.44 10.72
N ILE B 97 26.06 -6.18 10.79
CA ILE B 97 25.99 -7.34 11.66
C ILE B 97 26.78 -8.51 11.06
N ASP B 98 26.61 -8.75 9.76
CA ASP B 98 27.22 -9.92 9.14
C ASP B 98 28.74 -9.77 9.02
N GLU B 99 29.20 -8.62 8.53
CA GLU B 99 30.63 -8.42 8.29
C GLU B 99 31.34 -7.71 9.42
N GLY B 100 30.61 -7.11 10.37
CA GLY B 100 31.24 -6.38 11.45
C GLY B 100 31.55 -4.95 11.08
N ARG B 101 31.84 -4.71 9.81
CA ARG B 101 32.15 -3.39 9.28
C ARG B 101 32.09 -3.48 7.76
N LEU B 102 32.56 -2.42 7.08
CA LEU B 102 32.71 -2.39 5.63
C LEU B 102 31.38 -2.63 4.91
N VAL B 103 30.48 -1.67 5.11
CA VAL B 103 29.14 -1.67 4.53
C VAL B 103 29.18 -1.29 3.06
N LEU B 104 28.05 -1.41 2.37
CA LEU B 104 27.85 -0.92 1.01
C LEU B 104 28.79 -1.65 0.02
N GLU B 105 28.50 -2.94 -0.15
CA GLU B 105 29.22 -3.75 -1.13
C GLU B 105 28.67 -3.55 -2.54
N PHE B 106 27.35 -3.62 -2.70
CA PHE B 106 26.67 -3.50 -4.01
C PHE B 106 27.17 -4.58 -4.97
N SER B 107 26.87 -5.83 -4.63
CA SER B 107 27.36 -6.99 -5.39
C SER B 107 26.42 -7.41 -6.51
N LEU B 108 25.11 -7.41 -6.26
CA LEU B 108 24.18 -7.93 -7.27
C LEU B 108 24.16 -7.05 -8.52
N LEU B 109 24.29 -5.74 -8.36
CA LEU B 109 24.35 -4.86 -9.52
C LEU B 109 25.66 -5.03 -10.28
N SER B 110 26.73 -5.41 -9.58
CA SER B 110 28.00 -5.68 -10.26
C SER B 110 27.92 -6.96 -11.08
N TYR B 111 27.14 -7.95 -10.63
CA TYR B 111 26.97 -9.18 -11.39
C TYR B 111 25.99 -9.01 -12.53
N ALA B 112 24.94 -8.20 -12.32
CA ALA B 112 23.90 -8.04 -13.33
C ALA B 112 24.29 -7.06 -14.43
N PHE B 113 25.21 -6.14 -14.17
CA PHE B 113 25.64 -5.17 -15.18
C PHE B 113 27.12 -5.32 -15.47
N GLY B 114 27.59 -6.54 -15.65
CA GLY B 114 29.01 -6.81 -15.79
C GLY B 114 29.67 -6.24 -17.03
N LYS B 115 29.32 -6.77 -18.21
CA LYS B 115 29.97 -6.37 -19.46
C LYS B 115 29.28 -5.11 -20.01
N PHE B 116 29.43 -4.02 -19.28
CA PHE B 116 28.80 -2.76 -19.63
C PHE B 116 29.45 -2.08 -20.84
N PRO B 117 30.79 -2.12 -20.99
CA PRO B 117 31.37 -1.61 -22.25
C PRO B 117 30.84 -2.32 -23.49
N THR B 118 30.66 -3.65 -23.41
CA THR B 118 30.08 -4.37 -24.54
C THR B 118 28.66 -3.91 -24.82
N VAL B 119 27.88 -3.67 -23.76
CA VAL B 119 26.51 -3.21 -23.92
C VAL B 119 26.47 -1.84 -24.58
N VAL B 120 27.34 -0.92 -24.14
CA VAL B 120 27.31 0.42 -24.69
C VAL B 120 27.84 0.44 -26.12
N TRP B 121 28.79 -0.46 -26.45
CA TRP B 121 29.25 -0.55 -27.83
C TRP B 121 28.16 -1.11 -28.73
N THR B 122 27.43 -2.12 -28.23
CA THR B 122 26.29 -2.64 -28.98
C THR B 122 25.24 -1.56 -29.19
N TRP B 123 24.99 -0.74 -28.17
CA TRP B 123 24.01 0.33 -28.31
C TRP B 123 24.48 1.39 -29.30
N TRP B 124 25.78 1.69 -29.29
CA TRP B 124 26.32 2.66 -30.25
C TRP B 124 26.13 2.18 -31.68
N ILE B 125 26.51 0.93 -31.96
CA ILE B 125 26.37 0.43 -33.32
C ILE B 125 24.90 0.32 -33.69
N MET B 126 24.05 -0.07 -32.73
CA MET B 126 22.61 -0.14 -32.96
C MET B 126 22.06 1.23 -33.37
N PHE B 127 22.37 2.25 -32.58
CA PHE B 127 21.84 3.59 -32.83
C PHE B 127 22.36 4.15 -34.14
N LEU B 128 23.65 4.00 -34.42
CA LEU B 128 24.18 4.54 -35.67
C LEU B 128 23.57 3.82 -36.87
N SER B 129 23.35 2.50 -36.76
CA SER B 129 22.70 1.77 -37.85
C SER B 129 21.28 2.28 -38.07
N THR B 130 20.44 2.20 -37.04
CA THR B 130 19.04 2.60 -37.17
C THR B 130 18.89 4.09 -37.46
N PHE B 131 19.93 4.89 -37.26
CA PHE B 131 19.91 6.31 -37.59
C PHE B 131 20.33 6.57 -39.04
N SER B 132 21.29 5.80 -39.55
CA SER B 132 21.83 6.04 -40.87
C SER B 132 21.07 5.29 -41.97
N VAL B 133 21.06 3.96 -41.90
CA VAL B 133 20.69 3.20 -43.09
C VAL B 133 19.19 3.23 -43.43
N PRO B 134 18.25 3.27 -42.46
CA PRO B 134 16.84 3.43 -42.90
C PRO B 134 16.59 4.76 -43.59
N TYR B 135 17.21 5.83 -43.08
CA TYR B 135 17.06 7.15 -43.69
C TYR B 135 17.62 7.16 -45.11
N PHE B 136 18.82 6.60 -45.28
CA PHE B 136 19.45 6.56 -46.60
C PHE B 136 18.65 5.69 -47.58
N LEU B 137 18.16 4.55 -47.10
CA LEU B 137 17.36 3.68 -47.95
C LEU B 137 16.08 4.38 -48.38
N PHE B 138 15.41 5.08 -47.45
CA PHE B 138 14.18 5.79 -47.81
C PHE B 138 14.48 6.93 -48.77
N GLN B 139 15.60 7.63 -48.59
CA GLN B 139 15.99 8.67 -49.53
C GLN B 139 16.16 8.11 -50.93
N HIS B 140 16.94 7.03 -51.05
CA HIS B 140 17.18 6.42 -52.36
C HIS B 140 15.87 5.94 -52.99
N TRP B 141 15.00 5.33 -52.19
CA TRP B 141 13.75 4.82 -52.72
C TRP B 141 12.84 5.95 -53.19
N ALA B 142 12.72 7.03 -52.40
CA ALA B 142 11.89 8.15 -52.80
C ALA B 142 12.40 8.79 -54.08
N THR B 143 13.72 8.96 -54.19
CA THR B 143 14.28 9.54 -55.41
C THR B 143 14.01 8.65 -56.62
N GLY B 144 14.35 7.36 -56.52
CA GLY B 144 14.11 6.44 -57.61
C GLY B 144 12.65 6.23 -57.94
N TYR B 145 11.76 6.50 -56.99
CA TYR B 145 10.32 6.37 -57.22
C TYR B 145 9.77 7.57 -57.96
N SER B 146 10.11 8.77 -57.50
CA SER B 146 9.58 9.98 -58.12
C SER B 146 10.33 10.39 -59.38
N LYS B 147 11.47 9.75 -59.69
CA LYS B 147 12.30 10.23 -60.77
C LYS B 147 11.94 9.65 -62.14
N SER B 148 11.67 8.35 -62.22
CA SER B 148 11.75 7.63 -63.49
C SER B 148 10.54 6.72 -63.67
N SER B 149 10.64 5.82 -64.65
CA SER B 149 9.52 5.00 -65.08
C SER B 149 9.11 4.02 -63.99
N HIS B 150 8.23 3.07 -64.34
CA HIS B 150 7.44 2.27 -63.41
C HIS B 150 8.29 1.73 -62.26
N PRO B 151 8.10 2.24 -61.06
CA PRO B 151 8.90 1.83 -59.90
C PRO B 151 8.27 0.74 -59.03
N LEU B 152 7.16 0.15 -59.46
CA LEU B 152 6.54 -0.91 -58.66
C LEU B 152 7.51 -2.04 -58.38
N ILE B 153 8.28 -2.45 -59.39
CA ILE B 153 9.34 -3.42 -59.17
C ILE B 153 10.42 -2.83 -58.26
N ARG B 154 10.79 -1.57 -58.50
CA ARG B 154 11.75 -0.91 -57.63
C ARG B 154 11.20 -0.68 -56.24
N SER B 155 9.89 -0.40 -56.13
CA SER B 155 9.28 -0.23 -54.81
C SER B 155 9.29 -1.54 -54.03
N LEU B 156 8.98 -2.65 -54.69
CA LEU B 156 9.06 -3.96 -54.04
C LEU B 156 10.50 -4.29 -53.67
N PHE B 157 11.45 -3.91 -54.52
CA PHE B 157 12.86 -4.14 -54.23
C PHE B 157 13.30 -3.39 -52.97
N HIS B 158 12.96 -2.10 -52.88
CA HIS B 158 13.30 -1.33 -51.69
C HIS B 158 12.54 -1.81 -50.46
N GLY B 159 11.31 -2.29 -50.63
CA GLY B 159 10.58 -2.86 -49.52
C GLY B 159 11.23 -4.11 -48.98
N PHE B 160 11.67 -5.00 -49.89
CA PHE B 160 12.44 -6.15 -49.46
C PHE B 160 13.73 -5.72 -48.78
N LEU B 161 14.38 -4.69 -49.30
CA LEU B 161 15.63 -4.22 -48.69
C LEU B 161 15.40 -3.75 -47.27
N PHE B 162 14.32 -2.99 -47.03
CA PHE B 162 14.05 -2.54 -45.66
C PHE B 162 13.63 -3.70 -44.77
N MET B 163 12.87 -4.65 -45.31
CA MET B 163 12.48 -5.82 -44.51
C MET B 163 13.69 -6.60 -44.05
N ILE B 164 14.60 -6.90 -44.98
CA ILE B 164 15.81 -7.63 -44.60
C ILE B 164 16.68 -6.79 -43.68
N PHE B 165 16.73 -5.47 -43.90
CA PHE B 165 17.49 -4.62 -42.99
C PHE B 165 16.97 -4.78 -41.56
N GLN B 166 15.68 -4.52 -41.36
CA GLN B 166 15.14 -4.59 -40.01
C GLN B 166 15.36 -5.99 -39.43
N ILE B 167 14.95 -7.03 -40.15
CA ILE B 167 15.02 -8.39 -39.61
C ILE B 167 16.48 -8.74 -39.28
N GLY B 168 17.35 -8.75 -40.29
CA GLY B 168 18.74 -9.07 -40.05
C GLY B 168 19.44 -8.16 -39.06
N VAL B 169 19.58 -6.88 -39.38
CA VAL B 169 20.41 -5.98 -38.57
C VAL B 169 19.86 -5.80 -37.16
N LEU B 170 18.55 -5.95 -36.94
CA LEU B 170 17.97 -5.64 -35.65
C LEU B 170 17.40 -6.86 -34.92
N GLY B 171 17.48 -8.06 -35.50
CA GLY B 171 17.37 -9.26 -34.71
C GLY B 171 18.72 -9.91 -34.51
N PHE B 172 19.44 -10.17 -35.61
CA PHE B 172 20.69 -10.90 -35.55
C PHE B 172 21.70 -10.20 -34.67
N GLY B 173 21.96 -8.92 -34.94
CA GLY B 173 22.88 -8.15 -34.14
C GLY B 173 22.57 -8.25 -32.65
N PRO B 174 21.46 -7.65 -32.22
CA PRO B 174 21.12 -7.70 -30.79
C PRO B 174 20.95 -9.11 -30.23
N THR B 175 20.32 -10.04 -30.96
CA THR B 175 20.12 -11.36 -30.33
C THR B 175 21.43 -12.15 -30.30
N TYR B 176 22.24 -12.03 -31.33
CA TYR B 176 23.42 -12.88 -31.43
C TYR B 176 24.60 -12.31 -30.64
N VAL B 177 24.62 -10.99 -30.38
CA VAL B 177 25.55 -10.47 -29.39
C VAL B 177 25.34 -11.17 -28.06
N VAL B 178 24.07 -11.31 -27.65
CA VAL B 178 23.75 -12.02 -26.40
C VAL B 178 24.20 -13.47 -26.48
N LEU B 179 23.76 -14.19 -27.51
CA LEU B 179 24.04 -15.63 -27.58
C LEU B 179 25.50 -15.95 -27.90
N ALA B 180 26.32 -14.95 -28.24
CA ALA B 180 27.74 -15.18 -28.49
C ALA B 180 28.62 -14.71 -27.34
N TYR B 181 28.39 -13.51 -26.82
CA TYR B 181 29.25 -12.94 -25.79
C TYR B 181 28.88 -13.36 -24.37
N THR B 182 27.73 -14.02 -24.18
CA THR B 182 27.28 -14.52 -22.89
C THR B 182 27.26 -13.40 -21.84
N LEU B 183 26.37 -12.45 -22.09
CA LEU B 183 26.22 -11.29 -21.23
C LEU B 183 25.63 -11.69 -19.87
N PRO B 184 25.73 -10.82 -18.87
CA PRO B 184 24.94 -10.99 -17.66
C PRO B 184 23.44 -10.91 -17.98
N PRO B 185 22.58 -11.45 -17.11
CA PRO B 185 21.15 -11.50 -17.48
C PRO B 185 20.49 -10.14 -17.59
N ALA B 186 20.83 -9.19 -16.70
CA ALA B 186 20.20 -7.89 -16.76
C ALA B 186 20.73 -7.05 -17.92
N SER B 187 21.98 -7.27 -18.32
CA SER B 187 22.54 -6.52 -19.44
C SER B 187 22.01 -6.99 -20.79
N ARG B 188 21.41 -8.18 -20.86
CA ARG B 188 20.70 -8.58 -22.06
C ARG B 188 19.41 -7.78 -22.21
N PHE B 189 18.75 -7.50 -21.07
CA PHE B 189 17.42 -6.89 -21.13
C PHE B 189 17.47 -5.49 -21.69
N ILE B 190 18.50 -4.70 -21.32
CA ILE B 190 18.56 -3.32 -21.80
C ILE B 190 18.67 -3.28 -23.33
N ILE B 191 19.55 -4.11 -23.89
CA ILE B 191 19.75 -4.08 -25.34
C ILE B 191 18.58 -4.71 -26.08
N ILE B 192 17.93 -5.73 -25.51
CA ILE B 192 16.78 -6.30 -26.22
C ILE B 192 15.58 -5.36 -26.15
N PHE B 193 15.38 -4.66 -25.04
CA PHE B 193 14.34 -3.65 -25.02
C PHE B 193 14.67 -2.52 -25.99
N GLU B 194 15.94 -2.17 -26.10
CA GLU B 194 16.34 -1.14 -27.06
C GLU B 194 16.06 -1.58 -28.49
N GLN B 195 16.37 -2.84 -28.83
CA GLN B 195 16.11 -3.32 -30.18
C GLN B 195 14.62 -3.36 -30.47
N ILE B 196 13.80 -3.72 -29.48
CA ILE B 196 12.35 -3.72 -29.69
C ILE B 196 11.86 -2.32 -29.97
N ARG B 197 12.30 -1.35 -29.16
CA ARG B 197 11.88 0.03 -29.39
C ARG B 197 12.37 0.54 -30.74
N PHE B 198 13.59 0.17 -31.13
CA PHE B 198 14.15 0.64 -32.38
C PHE B 198 13.40 0.08 -33.58
N VAL B 199 13.09 -1.22 -33.55
CA VAL B 199 12.36 -1.78 -34.69
C VAL B 199 10.95 -1.19 -34.76
N MET B 200 10.32 -0.97 -33.59
CA MET B 200 8.99 -0.36 -33.59
C MET B 200 9.02 1.03 -34.22
N LYS B 201 9.99 1.86 -33.81
CA LYS B 201 10.02 3.23 -34.33
C LYS B 201 10.48 3.28 -35.77
N ALA B 202 11.32 2.33 -36.20
CA ALA B 202 11.71 2.28 -37.61
C ALA B 202 10.52 1.91 -38.48
N HIS B 203 9.76 0.90 -38.08
CA HIS B 203 8.54 0.55 -38.80
C HIS B 203 7.56 1.72 -38.82
N SER B 204 7.47 2.46 -37.71
CA SER B 204 6.61 3.63 -37.66
C SER B 204 7.06 4.68 -38.66
N PHE B 205 8.35 4.97 -38.69
CA PHE B 205 8.92 5.90 -39.65
C PHE B 205 8.53 5.54 -41.07
N VAL B 206 8.76 4.27 -41.44
CA VAL B 206 8.51 3.86 -42.82
C VAL B 206 7.02 3.90 -43.15
N ARG B 207 6.18 3.38 -42.25
CA ARG B 207 4.75 3.33 -42.53
C ARG B 207 4.10 4.70 -42.52
N GLU B 208 4.70 5.68 -41.84
CA GLU B 208 4.16 7.04 -41.90
C GLU B 208 4.66 7.77 -43.15
N ASN B 209 5.90 7.53 -43.55
CA ASN B 209 6.48 8.28 -44.66
C ASN B 209 6.18 7.70 -46.04
N VAL B 210 5.70 6.45 -46.11
CA VAL B 210 5.36 5.86 -47.42
C VAL B 210 4.16 6.55 -48.06
N PRO B 211 2.99 6.64 -47.40
CA PRO B 211 1.80 7.13 -48.12
C PRO B 211 1.89 8.59 -48.50
N ARG B 212 2.60 9.41 -47.72
CA ARG B 212 2.79 10.81 -48.11
C ARG B 212 3.52 10.90 -49.44
N VAL B 213 4.62 10.17 -49.58
CA VAL B 213 5.35 10.14 -50.84
C VAL B 213 4.48 9.58 -51.96
N LEU B 214 3.69 8.54 -51.65
CA LEU B 214 2.79 7.97 -52.64
C LEU B 214 1.83 9.01 -53.20
N ASN B 215 1.13 9.72 -52.32
CA ASN B 215 0.16 10.71 -52.76
C ASN B 215 0.82 11.92 -53.41
N SER B 216 2.03 12.29 -52.96
CA SER B 216 2.72 13.43 -53.56
C SER B 216 3.21 13.09 -54.97
N ALA B 217 3.65 11.86 -55.20
CA ALA B 217 4.04 11.44 -56.53
C ALA B 217 2.84 11.21 -57.43
N LYS B 218 1.69 10.83 -56.84
CA LYS B 218 0.45 10.81 -57.62
C LYS B 218 0.07 12.22 -58.04
N GLU B 219 0.26 13.20 -57.16
CA GLU B 219 0.10 14.61 -57.55
C GLU B 219 1.24 15.07 -58.45
N LYS B 220 2.37 14.37 -58.45
CA LYS B 220 3.47 14.58 -59.39
C LYS B 220 4.10 15.97 -59.22
N SER B 221 4.59 16.22 -58.00
CA SER B 221 5.38 17.40 -57.69
C SER B 221 6.82 16.99 -57.44
N SER B 222 7.76 17.73 -58.04
CA SER B 222 9.17 17.42 -57.86
C SER B 222 9.60 17.57 -56.40
N THR B 223 8.91 18.41 -55.64
CA THR B 223 9.18 18.60 -54.22
C THR B 223 8.59 17.40 -53.47
N VAL B 224 9.43 16.40 -53.23
CA VAL B 224 9.02 15.19 -52.53
C VAL B 224 9.12 15.43 -51.03
N PRO B 225 8.03 15.27 -50.28
CA PRO B 225 8.07 15.57 -48.84
C PRO B 225 8.87 14.55 -48.04
N ILE B 226 10.17 14.50 -48.27
CA ILE B 226 11.05 13.60 -47.52
C ILE B 226 11.39 14.25 -46.18
N PRO B 227 11.54 13.48 -45.11
CA PRO B 227 11.92 14.07 -43.82
C PRO B 227 13.40 14.43 -43.78
N THR B 228 13.73 15.33 -42.86
CA THR B 228 15.10 15.80 -42.70
C THR B 228 15.85 14.90 -41.71
N VAL B 229 17.15 15.15 -41.59
CA VAL B 229 17.99 14.35 -40.70
C VAL B 229 17.75 14.73 -39.24
N ASN B 230 17.58 16.02 -38.97
CA ASN B 230 17.51 16.48 -37.59
C ASN B 230 16.23 16.04 -36.91
N GLN B 231 15.09 16.07 -37.62
CA GLN B 231 13.85 15.63 -36.98
C GLN B 231 13.83 14.12 -36.77
N TYR B 232 14.51 13.36 -37.63
CA TYR B 232 14.64 11.93 -37.40
C TYR B 232 15.55 11.65 -36.21
N LEU B 233 16.66 12.39 -36.10
CA LEU B 233 17.53 12.27 -34.93
C LEU B 233 16.81 12.68 -33.66
N TYR B 234 15.84 13.59 -33.77
CA TYR B 234 15.04 13.98 -32.62
C TYR B 234 14.04 12.88 -32.25
N PHE B 235 13.37 12.32 -33.25
CA PHE B 235 12.39 11.26 -32.99
C PHE B 235 13.04 10.01 -32.44
N LEU B 236 14.29 9.73 -32.80
CA LEU B 236 14.97 8.55 -32.27
C LEU B 236 15.14 8.60 -30.76
N PHE B 237 15.11 9.80 -30.18
CA PHE B 237 15.12 9.95 -28.73
C PHE B 237 13.77 10.40 -28.17
N ALA B 238 12.75 10.51 -29.01
CA ALA B 238 11.45 10.99 -28.56
C ALA B 238 10.79 9.96 -27.66
N PRO B 239 10.03 10.40 -26.65
CA PRO B 239 9.31 9.44 -25.81
C PRO B 239 8.16 8.75 -26.52
N THR B 240 7.61 9.35 -27.57
CA THR B 240 6.52 8.74 -28.31
C THR B 240 7.06 7.66 -29.25
N LEU B 241 6.16 7.01 -29.97
CA LEU B 241 6.53 5.89 -30.84
C LEU B 241 5.94 6.00 -32.24
N ILE B 242 5.39 7.14 -32.60
CA ILE B 242 4.84 7.37 -33.94
C ILE B 242 5.64 8.49 -34.58
N TYR B 243 5.99 8.29 -35.86
CA TYR B 243 6.87 9.28 -36.50
C TYR B 243 6.22 10.64 -36.65
N ARG B 244 4.89 10.73 -36.52
CA ARG B 244 4.29 12.06 -36.44
C ARG B 244 4.72 12.63 -35.10
N ASP B 245 5.85 13.33 -35.12
CA ASP B 245 6.64 13.56 -33.92
C ASP B 245 6.11 14.76 -33.14
N SER B 246 6.91 15.22 -32.19
CA SER B 246 6.50 16.27 -31.26
C SER B 246 6.50 17.62 -31.98
N TYR B 247 5.48 17.82 -32.80
CA TYR B 247 5.30 19.14 -33.38
C TYR B 247 4.69 20.06 -32.32
N PRO B 248 3.80 19.58 -31.45
CA PRO B 248 3.56 20.30 -30.19
C PRO B 248 4.73 20.06 -29.23
N ARG B 249 5.28 21.15 -28.70
CA ARG B 249 6.47 21.09 -27.87
C ARG B 249 6.23 21.88 -26.58
N ASN B 250 7.29 21.97 -25.73
CA ASN B 250 7.34 22.76 -24.52
C ASN B 250 8.17 24.03 -24.76
N PRO B 251 7.85 25.12 -24.06
CA PRO B 251 8.61 26.36 -24.28
C PRO B 251 10.08 26.26 -23.87
N THR B 252 10.36 25.86 -22.63
CA THR B 252 11.71 25.87 -22.08
C THR B 252 12.03 24.54 -21.42
N VAL B 253 13.27 24.41 -20.96
CA VAL B 253 13.77 23.21 -20.30
C VAL B 253 14.04 23.56 -18.85
N ARG B 254 13.20 23.06 -17.94
CA ARG B 254 13.41 23.24 -16.51
C ARG B 254 14.45 22.23 -16.05
N TRP B 255 15.69 22.70 -15.87
CA TRP B 255 16.79 21.78 -15.59
C TRP B 255 16.73 21.23 -14.17
N GLY B 256 16.24 22.01 -13.22
CA GLY B 256 15.97 21.46 -11.90
C GLY B 256 14.95 20.34 -11.95
N TYR B 257 13.92 20.51 -12.79
CA TYR B 257 12.89 19.49 -12.94
C TYR B 257 13.45 18.19 -13.48
N VAL B 258 14.23 18.29 -14.58
CA VAL B 258 14.77 17.08 -15.19
C VAL B 258 15.80 16.43 -14.28
N ALA B 259 16.58 17.24 -13.55
CA ALA B 259 17.54 16.68 -12.61
C ALA B 259 16.82 15.94 -11.49
N MET B 260 15.76 16.53 -10.95
CA MET B 260 15.00 15.88 -9.88
C MET B 260 14.41 14.57 -10.35
N LYS B 261 13.79 14.55 -11.53
CA LYS B 261 13.14 13.33 -11.98
C LYS B 261 14.14 12.28 -12.47
N PHE B 262 15.28 12.69 -12.99
CA PHE B 262 16.30 11.71 -13.33
C PHE B 262 16.92 11.08 -12.08
N ALA B 263 17.16 11.89 -11.05
CA ALA B 263 17.56 11.33 -9.76
C ALA B 263 16.45 10.46 -9.18
N GLN B 264 15.19 10.78 -9.49
CA GLN B 264 14.08 9.93 -9.06
C GLN B 264 14.16 8.56 -9.73
N VAL B 265 14.47 8.54 -11.03
CA VAL B 265 14.70 7.26 -11.70
C VAL B 265 15.86 6.53 -11.04
N PHE B 266 16.95 7.24 -10.77
CA PHE B 266 18.15 6.62 -10.21
C PHE B 266 17.87 6.06 -8.81
N GLY B 267 16.94 6.66 -8.08
CA GLY B 267 16.53 6.16 -6.79
C GLY B 267 15.59 4.98 -6.89
N CYS B 268 14.61 5.06 -7.80
CA CYS B 268 13.67 3.97 -8.01
C CYS B 268 14.37 2.70 -8.47
N PHE B 269 15.46 2.85 -9.21
CA PHE B 269 16.21 1.67 -9.61
C PHE B 269 16.81 0.97 -8.38
N PHE B 270 17.36 1.75 -7.46
CA PHE B 270 17.85 1.15 -6.21
C PHE B 270 16.71 0.63 -5.35
N TYR B 271 15.52 1.21 -5.46
CA TYR B 271 14.37 0.66 -4.76
C TYR B 271 14.03 -0.73 -5.30
N VAL B 272 14.01 -0.88 -6.62
CA VAL B 272 13.87 -2.21 -7.23
C VAL B 272 14.96 -3.14 -6.71
N TYR B 273 16.20 -2.63 -6.64
CA TYR B 273 17.32 -3.46 -6.22
C TYR B 273 17.13 -3.97 -4.79
N TYR B 274 16.77 -3.07 -3.87
CA TYR B 274 16.57 -3.47 -2.49
C TYR B 274 15.37 -4.38 -2.34
N ILE B 275 14.31 -4.16 -3.14
CA ILE B 275 13.18 -5.09 -3.12
C ILE B 275 13.65 -6.47 -3.51
N PHE B 276 14.38 -6.57 -4.63
CA PHE B 276 14.91 -7.85 -5.09
C PHE B 276 15.75 -8.52 -4.01
N GLU B 277 16.66 -7.77 -3.40
CA GLU B 277 17.53 -8.33 -2.38
C GLU B 277 16.73 -8.82 -1.17
N ARG B 278 16.00 -7.91 -0.52
CA ARG B 278 15.35 -8.24 0.74
C ARG B 278 14.13 -9.15 0.60
N LEU B 279 13.62 -9.39 -0.60
CA LEU B 279 12.46 -10.27 -0.70
C LEU B 279 12.69 -11.47 -1.61
N CYS B 280 13.36 -11.29 -2.74
CA CYS B 280 13.61 -12.40 -3.66
C CYS B 280 14.82 -13.25 -3.27
N ALA B 281 15.66 -12.76 -2.34
CA ALA B 281 16.73 -13.62 -1.85
C ALA B 281 16.22 -14.61 -0.80
N PRO B 282 15.54 -14.18 0.27
CA PRO B 282 15.13 -15.16 1.28
C PRO B 282 14.12 -16.17 0.78
N LEU B 283 13.24 -15.78 -0.14
CA LEU B 283 12.21 -16.69 -0.63
C LEU B 283 12.73 -17.66 -1.69
N PHE B 284 13.88 -17.38 -2.31
CA PHE B 284 14.28 -18.10 -3.51
C PHE B 284 15.71 -18.62 -3.53
N ARG B 285 16.60 -18.15 -2.64
CA ARG B 285 18.01 -18.52 -2.71
C ARG B 285 18.20 -19.96 -2.24
N ASN B 286 17.82 -20.89 -3.13
CA ASN B 286 18.20 -22.30 -3.02
C ASN B 286 17.66 -22.96 -1.76
N ILE B 287 16.37 -22.78 -1.50
CA ILE B 287 15.65 -23.64 -0.56
C ILE B 287 15.06 -24.76 -1.40
N LYS B 288 15.89 -25.77 -1.66
CA LYS B 288 15.59 -26.78 -2.67
C LYS B 288 15.72 -28.19 -2.11
N GLN B 289 15.22 -28.40 -0.89
CA GLN B 289 15.06 -29.75 -0.35
C GLN B 289 13.65 -30.22 -0.75
N GLU B 290 13.54 -30.64 -2.02
CA GLU B 290 12.31 -30.77 -2.77
C GLU B 290 11.19 -31.49 -2.02
N PRO B 291 10.16 -30.77 -1.58
CA PRO B 291 8.92 -31.43 -1.15
C PRO B 291 7.94 -31.61 -2.31
N PHE B 292 8.04 -30.71 -3.29
CA PHE B 292 7.05 -30.60 -4.37
C PHE B 292 5.63 -30.59 -3.83
N SER B 293 5.45 -29.93 -2.68
CA SER B 293 4.15 -29.81 -2.06
C SER B 293 3.38 -28.65 -2.68
N ALA B 294 2.08 -28.85 -2.88
CA ALA B 294 1.24 -27.74 -3.31
C ALA B 294 1.17 -26.63 -2.27
N ARG B 295 1.42 -26.98 -1.00
CA ARG B 295 1.45 -25.97 0.05
C ARG B 295 2.60 -24.99 -0.17
N VAL B 296 3.80 -25.52 -0.43
CA VAL B 296 4.95 -24.65 -0.63
C VAL B 296 4.77 -23.79 -1.89
N LEU B 297 4.16 -24.36 -2.92
CA LEU B 297 3.94 -23.60 -4.15
C LEU B 297 2.93 -22.48 -3.95
N VAL B 298 1.82 -22.78 -3.26
CA VAL B 298 0.84 -21.72 -3.02
C VAL B 298 1.39 -20.68 -2.05
N LEU B 299 2.28 -21.07 -1.13
CA LEU B 299 2.88 -20.09 -0.26
C LEU B 299 3.90 -19.24 -1.01
N CYS B 300 4.55 -19.79 -2.04
CA CYS B 300 5.40 -18.95 -2.88
C CYS B 300 4.56 -17.94 -3.66
N VAL B 301 3.49 -18.42 -4.31
CA VAL B 301 2.64 -17.53 -5.09
C VAL B 301 1.92 -16.54 -4.19
N PHE B 302 1.87 -16.81 -2.89
CA PHE B 302 1.34 -15.83 -1.94
C PHE B 302 2.40 -14.82 -1.53
N ASN B 303 3.56 -15.29 -1.06
CA ASN B 303 4.59 -14.42 -0.51
C ASN B 303 5.33 -13.61 -1.58
N SER B 304 5.22 -13.98 -2.86
CA SER B 304 5.86 -13.21 -3.92
C SER B 304 4.97 -12.11 -4.47
N ILE B 305 3.75 -11.97 -3.94
CA ILE B 305 2.84 -10.95 -4.45
C ILE B 305 3.29 -9.57 -3.99
N LEU B 306 3.58 -9.41 -2.70
CA LEU B 306 4.06 -8.13 -2.19
C LEU B 306 5.30 -7.64 -2.94
N PRO B 307 6.37 -8.44 -3.10
CA PRO B 307 7.44 -8.00 -4.00
C PRO B 307 6.95 -7.81 -5.42
N GLY B 308 6.05 -8.67 -5.88
CA GLY B 308 5.51 -8.51 -7.22
C GLY B 308 4.75 -7.21 -7.41
N VAL B 309 3.81 -6.92 -6.51
CA VAL B 309 2.99 -5.74 -6.68
C VAL B 309 3.81 -4.48 -6.46
N LEU B 310 4.78 -4.53 -5.52
CA LEU B 310 5.66 -3.39 -5.33
C LEU B 310 6.53 -3.14 -6.56
N ILE B 311 7.05 -4.22 -7.16
CA ILE B 311 7.85 -4.06 -8.37
C ILE B 311 7.01 -3.51 -9.51
N LEU B 312 5.79 -3.99 -9.67
CA LEU B 312 4.94 -3.51 -10.76
C LEU B 312 4.62 -2.03 -10.59
N PHE B 313 4.08 -1.65 -9.43
CA PHE B 313 3.81 -0.24 -9.15
C PHE B 313 5.06 0.60 -9.36
N LEU B 314 6.17 0.20 -8.76
CA LEU B 314 7.37 1.01 -8.78
C LEU B 314 7.95 1.12 -10.17
N THR B 315 7.91 0.05 -10.96
CA THR B 315 8.48 0.11 -12.29
C THR B 315 7.59 0.90 -13.23
N PHE B 316 6.27 0.78 -13.09
CA PHE B 316 5.36 1.69 -13.78
C PHE B 316 5.77 3.13 -13.51
N PHE B 317 5.74 3.52 -12.23
CA PHE B 317 6.14 4.86 -11.83
C PHE B 317 7.48 5.25 -12.42
N ALA B 318 8.53 4.51 -12.07
CA ALA B 318 9.89 4.83 -12.46
C ALA B 318 9.98 4.98 -13.96
N PHE B 319 9.85 3.87 -14.68
CA PHE B 319 10.08 3.88 -16.12
C PHE B 319 9.16 4.90 -16.76
N LEU B 320 7.84 4.66 -16.75
CA LEU B 320 6.99 5.55 -17.51
C LEU B 320 7.14 6.97 -16.98
N HIS B 321 6.63 7.21 -15.76
CA HIS B 321 6.53 8.57 -15.26
C HIS B 321 7.89 9.26 -15.32
N CYS B 322 8.85 8.84 -14.50
CA CYS B 322 10.01 9.72 -14.41
C CYS B 322 11.00 9.48 -15.54
N TRP B 323 11.18 8.25 -16.04
CA TRP B 323 12.11 8.06 -17.14
C TRP B 323 11.68 8.85 -18.36
N LEU B 324 10.47 8.59 -18.83
CA LEU B 324 9.94 9.26 -20.00
C LEU B 324 9.81 10.76 -19.76
N ASN B 325 9.42 11.15 -18.56
CA ASN B 325 9.23 12.57 -18.29
C ASN B 325 10.55 13.33 -18.23
N ALA B 326 11.62 12.67 -17.78
CA ALA B 326 12.95 13.26 -17.87
C ALA B 326 13.37 13.38 -19.33
N PHE B 327 13.20 12.32 -20.10
CA PHE B 327 13.50 12.47 -21.53
C PHE B 327 12.44 13.27 -22.28
N ALA B 328 11.37 13.67 -21.61
CA ALA B 328 10.38 14.59 -22.18
C ALA B 328 10.80 16.04 -21.99
N GLU B 329 11.01 16.45 -20.74
CA GLU B 329 11.36 17.83 -20.44
C GLU B 329 12.81 18.17 -20.80
N MET B 330 13.68 17.16 -20.90
CA MET B 330 15.01 17.39 -21.43
C MET B 330 15.02 17.50 -22.95
N LEU B 331 13.99 16.97 -23.61
CA LEU B 331 13.87 17.01 -25.07
C LEU B 331 12.82 18.02 -25.52
N ARG B 332 12.36 18.89 -24.63
CA ARG B 332 11.37 19.93 -24.94
C ARG B 332 10.05 19.36 -25.43
N PHE B 333 9.75 18.08 -25.15
CA PHE B 333 8.45 17.48 -25.46
C PHE B 333 7.92 16.78 -24.22
N GLY B 334 7.32 17.56 -23.33
CA GLY B 334 6.52 17.01 -22.24
C GLY B 334 5.07 17.27 -22.55
N ASP B 335 4.77 17.41 -23.84
CA ASP B 335 3.48 17.84 -24.34
C ASP B 335 2.55 16.67 -24.69
N ARG B 336 2.65 15.56 -23.95
CA ARG B 336 1.73 14.45 -24.14
C ARG B 336 1.79 13.54 -22.91
N MET B 337 0.63 13.14 -22.44
CA MET B 337 0.55 12.10 -21.41
C MET B 337 0.72 10.73 -22.06
N PHE B 338 1.26 9.79 -21.28
CA PHE B 338 1.58 8.47 -21.82
C PHE B 338 0.94 7.36 -21.02
N TYR B 339 -0.04 7.67 -20.17
CA TYR B 339 -0.82 6.69 -19.42
C TYR B 339 -1.97 7.41 -18.73
N LYS B 340 -3.20 6.94 -18.91
CA LYS B 340 -4.29 7.43 -18.07
C LYS B 340 -4.26 6.65 -16.76
N ASP B 341 -5.30 6.81 -15.95
CA ASP B 341 -5.40 6.05 -14.70
C ASP B 341 -5.69 4.59 -15.03
N TRP B 342 -4.68 3.72 -14.87
CA TRP B 342 -4.91 2.30 -15.12
C TRP B 342 -5.48 1.57 -13.92
N TRP B 343 -5.52 2.20 -12.75
CA TRP B 343 -6.20 1.60 -11.61
C TRP B 343 -7.71 1.73 -11.76
N ASN B 344 -8.19 2.87 -12.26
CA ASN B 344 -9.60 3.06 -12.60
C ASN B 344 -9.87 2.29 -13.91
N SER B 345 -9.99 0.98 -13.78
CA SER B 345 -10.15 0.12 -14.95
C SER B 345 -11.01 -1.08 -14.55
N THR B 346 -12.27 -1.09 -14.99
CA THR B 346 -13.18 -2.17 -14.69
C THR B 346 -13.07 -3.32 -15.70
N SER B 347 -13.20 -3.01 -16.99
CA SER B 347 -13.12 -4.00 -18.04
C SER B 347 -11.68 -4.14 -18.52
N TYR B 348 -11.41 -5.27 -19.19
CA TYR B 348 -10.07 -5.56 -19.65
C TYR B 348 -9.64 -4.60 -20.76
N SER B 349 -10.54 -4.31 -21.69
CA SER B 349 -10.23 -3.43 -22.80
C SER B 349 -9.64 -2.12 -22.30
N ASN B 350 -10.24 -1.52 -21.27
CA ASN B 350 -9.73 -0.27 -20.74
C ASN B 350 -8.36 -0.47 -20.09
N TYR B 351 -8.17 -1.57 -19.36
CA TYR B 351 -6.88 -1.81 -18.72
C TYR B 351 -5.76 -1.82 -19.74
N TYR B 352 -5.91 -2.61 -20.81
CA TYR B 352 -4.89 -2.56 -21.85
C TYR B 352 -4.86 -1.19 -22.52
N ARG B 353 -6.01 -0.52 -22.59
CA ARG B 353 -6.09 0.78 -23.27
C ARG B 353 -5.22 1.82 -22.59
N THR B 354 -5.09 1.76 -21.27
CA THR B 354 -4.36 2.81 -20.56
C THR B 354 -3.34 2.24 -19.59
N TRP B 355 -2.56 1.25 -20.03
CA TRP B 355 -1.29 0.93 -19.40
C TRP B 355 -0.22 1.08 -20.46
N ASN B 356 0.65 2.08 -20.29
CA ASN B 356 1.72 2.35 -21.24
C ASN B 356 1.14 2.64 -22.62
N VAL B 357 0.41 3.75 -22.70
CA VAL B 357 -0.30 4.12 -23.92
C VAL B 357 0.63 4.39 -25.10
N VAL B 358 1.94 4.47 -24.89
CA VAL B 358 2.87 4.54 -26.02
C VAL B 358 2.81 3.25 -26.84
N VAL B 359 3.11 2.12 -26.18
CA VAL B 359 3.03 0.83 -26.82
C VAL B 359 1.62 0.56 -27.32
N HIS B 360 0.61 0.92 -26.52
CA HIS B 360 -0.77 0.71 -26.92
C HIS B 360 -1.09 1.48 -28.20
N ASP B 361 -0.65 2.74 -28.30
CA ASP B 361 -0.96 3.53 -29.48
C ASP B 361 -0.27 2.98 -30.71
N TRP B 362 1.02 2.66 -30.58
CA TRP B 362 1.74 2.07 -31.71
C TRP B 362 1.06 0.79 -32.19
N LEU B 363 0.86 -0.16 -31.26
CA LEU B 363 0.22 -1.42 -31.60
C LEU B 363 -1.14 -1.19 -32.22
N TYR B 364 -2.01 -0.45 -31.52
CA TYR B 364 -3.36 -0.18 -31.99
C TYR B 364 -3.32 0.39 -33.40
N TYR B 365 -2.76 1.58 -33.59
CA TYR B 365 -2.79 2.19 -34.92
C TYR B 365 -2.21 1.23 -35.96
N TYR B 366 -0.90 0.97 -35.88
CA TYR B 366 -0.27 0.27 -37.00
C TYR B 366 -0.77 -1.17 -37.09
N ALA B 367 -0.50 -1.98 -36.06
CA ALA B 367 -0.91 -3.37 -36.10
C ALA B 367 -2.41 -3.50 -36.35
N TYR B 368 -3.24 -2.98 -35.42
CA TYR B 368 -4.67 -3.13 -35.53
C TYR B 368 -5.18 -2.73 -36.91
N LYS B 369 -5.02 -1.45 -37.29
CA LYS B 369 -5.64 -0.98 -38.52
C LYS B 369 -5.06 -1.68 -39.75
N ASP B 370 -3.72 -1.62 -39.93
CA ASP B 370 -3.12 -2.13 -41.15
C ASP B 370 -3.30 -3.65 -41.24
N PHE B 371 -2.90 -4.39 -40.21
CA PHE B 371 -3.08 -5.83 -40.18
C PHE B 371 -4.55 -6.24 -40.21
N LEU B 372 -5.48 -5.33 -39.95
CA LEU B 372 -6.89 -5.67 -40.00
C LEU B 372 -7.46 -5.53 -41.41
N TRP B 373 -7.22 -4.38 -42.06
CA TRP B 373 -7.72 -4.27 -43.44
C TRP B 373 -6.97 -5.17 -44.41
N PHE B 374 -5.82 -5.72 -44.00
CA PHE B 374 -5.11 -6.68 -44.83
C PHE B 374 -5.82 -8.02 -44.86
N PHE B 375 -6.57 -8.35 -43.80
CA PHE B 375 -7.33 -9.59 -43.73
C PHE B 375 -8.84 -9.37 -43.82
N SER B 376 -9.40 -8.60 -42.89
CA SER B 376 -10.85 -8.39 -42.79
C SER B 376 -11.60 -9.71 -42.91
N LYS B 377 -11.20 -10.69 -42.10
CA LYS B 377 -11.74 -12.04 -42.19
C LYS B 377 -13.20 -12.07 -41.71
N ARG B 378 -13.80 -13.26 -41.77
CA ARG B 378 -15.17 -13.41 -41.29
C ARG B 378 -15.26 -13.44 -39.78
N PHE B 379 -14.15 -13.74 -39.10
CA PHE B 379 -14.08 -13.74 -37.64
C PHE B 379 -13.15 -12.60 -37.23
N LYS B 380 -13.70 -11.40 -37.11
CA LYS B 380 -12.94 -10.22 -36.72
C LYS B 380 -13.07 -9.91 -35.24
N SER B 381 -13.60 -10.83 -34.44
CA SER B 381 -13.61 -10.66 -32.99
C SER B 381 -12.22 -10.73 -32.40
N ALA B 382 -11.27 -11.35 -33.11
CA ALA B 382 -9.88 -11.41 -32.68
C ALA B 382 -9.09 -10.16 -33.03
N ALA B 383 -9.78 -9.11 -33.51
CA ALA B 383 -9.09 -7.88 -33.91
C ALA B 383 -8.15 -7.37 -32.83
N MET B 384 -8.50 -7.57 -31.56
CA MET B 384 -7.57 -7.35 -30.47
C MET B 384 -6.85 -8.63 -30.07
N LEU B 385 -7.60 -9.74 -29.99
CA LEU B 385 -7.01 -11.01 -29.55
C LEU B 385 -5.81 -11.39 -30.40
N ALA B 386 -5.75 -10.92 -31.65
CA ALA B 386 -4.58 -11.16 -32.47
C ALA B 386 -3.39 -10.34 -31.97
N VAL B 387 -3.54 -9.01 -31.91
CA VAL B 387 -2.38 -8.16 -31.65
C VAL B 387 -1.82 -8.46 -30.26
N PHE B 388 -2.70 -8.51 -29.25
CA PHE B 388 -2.28 -8.91 -27.92
C PHE B 388 -1.44 -10.17 -27.96
N ALA B 389 -1.88 -11.17 -28.74
CA ALA B 389 -1.13 -12.40 -28.91
C ALA B 389 0.32 -12.12 -29.26
N VAL B 390 0.55 -11.37 -30.36
CA VAL B 390 1.93 -11.10 -30.74
C VAL B 390 2.59 -10.24 -29.66
N SER B 391 1.83 -9.33 -29.06
CA SER B 391 2.33 -8.61 -27.89
C SER B 391 2.82 -9.62 -26.86
N ALA B 392 1.95 -10.57 -26.50
CA ALA B 392 2.36 -11.68 -25.64
C ALA B 392 3.70 -12.25 -26.09
N VAL B 393 3.79 -12.66 -27.36
CA VAL B 393 4.98 -13.35 -27.80
C VAL B 393 6.19 -12.42 -27.72
N VAL B 394 6.00 -11.12 -28.00
CA VAL B 394 7.14 -10.23 -27.92
C VAL B 394 7.58 -10.09 -26.47
N HIS B 395 6.62 -10.02 -25.54
CA HIS B 395 6.97 -10.11 -24.13
C HIS B 395 7.65 -11.44 -23.84
N GLU B 396 7.11 -12.53 -24.39
CA GLU B 396 7.79 -13.81 -24.29
C GLU B 396 9.21 -13.71 -24.82
N TYR B 397 9.38 -13.06 -25.97
CA TYR B 397 10.72 -12.86 -26.51
C TYR B 397 11.55 -12.01 -25.56
N ALA B 398 10.95 -10.98 -24.97
CA ALA B 398 11.66 -10.17 -23.99
C ALA B 398 12.09 -11.00 -22.79
N LEU B 399 11.34 -12.06 -22.49
CA LEU B 399 11.70 -12.98 -21.41
C LEU B 399 12.35 -14.25 -21.93
N ALA B 400 12.57 -14.35 -23.24
CA ALA B 400 13.26 -15.50 -23.80
C ALA B 400 14.76 -15.29 -23.88
N VAL B 401 15.20 -14.06 -24.10
CA VAL B 401 16.62 -13.79 -24.30
C VAL B 401 17.34 -13.64 -22.95
N CYS B 402 16.87 -12.71 -22.13
CA CYS B 402 17.58 -12.40 -20.89
C CYS B 402 17.42 -13.49 -19.84
N LEU B 403 16.35 -14.28 -19.90
CA LEU B 403 16.17 -15.38 -18.96
C LEU B 403 16.75 -16.70 -19.47
N SER B 404 17.18 -16.75 -20.73
CA SER B 404 17.73 -17.96 -21.35
C SER B 404 16.74 -19.13 -21.34
N PHE B 405 15.45 -18.83 -21.24
CA PHE B 405 14.39 -19.83 -21.29
C PHE B 405 13.48 -19.55 -22.48
N PHE B 406 12.40 -20.32 -22.58
CA PHE B 406 11.23 -19.93 -23.35
C PHE B 406 9.95 -20.23 -22.54
N TYR B 407 10.09 -20.54 -21.25
CA TYR B 407 9.00 -20.97 -20.39
C TYR B 407 7.87 -19.94 -20.43
N PRO B 408 6.77 -20.23 -21.14
CA PRO B 408 5.77 -19.20 -21.45
C PRO B 408 4.63 -19.14 -20.45
N VAL B 409 4.97 -18.94 -19.17
CA VAL B 409 3.90 -18.77 -18.18
C VAL B 409 3.19 -17.44 -18.38
N LEU B 410 3.90 -16.43 -18.89
CA LEU B 410 3.24 -15.17 -19.19
C LEU B 410 2.24 -15.33 -20.33
N PHE B 411 2.59 -16.15 -21.33
CA PHE B 411 1.70 -16.34 -22.48
C PHE B 411 0.40 -17.01 -22.08
N VAL B 412 0.48 -18.19 -21.44
CA VAL B 412 -0.72 -18.90 -21.03
C VAL B 412 -1.44 -18.13 -19.93
N LEU B 413 -0.71 -17.38 -19.10
CA LEU B 413 -1.34 -16.54 -18.10
C LEU B 413 -2.20 -15.47 -18.75
N PHE B 414 -1.65 -14.78 -19.76
CA PHE B 414 -2.42 -13.78 -20.49
C PHE B 414 -3.61 -14.39 -21.19
N MET B 415 -3.44 -15.60 -21.76
CA MET B 415 -4.53 -16.25 -22.46
C MET B 415 -5.67 -16.59 -21.51
N PHE B 416 -5.35 -17.18 -20.36
CA PHE B 416 -6.37 -17.47 -19.35
C PHE B 416 -7.04 -16.19 -18.87
N PHE B 417 -6.23 -15.18 -18.54
CA PHE B 417 -6.70 -13.84 -18.19
C PHE B 417 -7.79 -13.36 -19.15
N GLY B 418 -7.42 -13.23 -20.43
CA GLY B 418 -8.34 -12.69 -21.41
C GLY B 418 -9.56 -13.56 -21.62
N MET B 419 -9.35 -14.84 -21.93
CA MET B 419 -10.46 -15.74 -22.23
C MET B 419 -11.32 -16.05 -21.02
N ALA B 420 -10.92 -15.64 -19.82
CA ALA B 420 -11.76 -15.81 -18.64
C ALA B 420 -12.50 -14.54 -18.26
N PHE B 421 -11.89 -13.37 -18.41
CA PHE B 421 -12.51 -12.12 -17.99
C PHE B 421 -12.99 -11.26 -19.15
N ASN B 422 -13.02 -11.80 -20.37
CA ASN B 422 -13.70 -11.11 -21.46
C ASN B 422 -15.20 -11.40 -21.47
N PHE B 423 -15.59 -12.59 -21.00
CA PHE B 423 -17.00 -12.95 -20.90
C PHE B 423 -17.57 -12.54 -19.55
N PRO B 432 -17.82 -1.79 -10.39
CA PRO B 432 -16.99 -1.74 -9.19
C PRO B 432 -16.47 -3.11 -8.77
N ILE B 433 -17.34 -4.12 -8.77
CA ILE B 433 -16.90 -5.47 -8.43
C ILE B 433 -15.92 -5.98 -9.48
N TRP B 434 -16.07 -5.54 -10.72
CA TRP B 434 -15.10 -5.90 -11.75
C TRP B 434 -13.75 -5.27 -11.46
N ASN B 435 -13.72 -4.11 -10.81
CA ASN B 435 -12.44 -3.52 -10.42
C ASN B 435 -11.73 -4.40 -9.40
N VAL B 436 -12.48 -4.94 -8.44
CA VAL B 436 -11.91 -5.83 -7.43
C VAL B 436 -11.43 -7.12 -8.07
N LEU B 437 -12.22 -7.68 -9.00
CA LEU B 437 -11.78 -8.87 -9.71
C LEU B 437 -10.50 -8.59 -10.49
N MET B 438 -10.42 -7.42 -11.13
CA MET B 438 -9.21 -7.06 -11.87
C MET B 438 -8.01 -6.97 -10.94
N TRP B 439 -8.18 -6.35 -9.77
CA TRP B 439 -7.04 -6.23 -8.86
C TRP B 439 -6.61 -7.57 -8.29
N THR B 440 -7.56 -8.44 -7.94
CA THR B 440 -7.17 -9.73 -7.38
C THR B 440 -6.52 -10.61 -8.43
N SER B 441 -7.03 -10.58 -9.67
CA SER B 441 -6.40 -11.35 -10.73
C SER B 441 -5.04 -10.78 -11.09
N LEU B 442 -4.89 -9.45 -11.02
CA LEU B 442 -3.58 -8.85 -11.27
C LEU B 442 -2.57 -9.26 -10.20
N PHE B 443 -2.98 -9.22 -8.92
CA PHE B 443 -2.09 -9.69 -7.86
C PHE B 443 -1.69 -11.14 -8.07
N LEU B 444 -2.68 -12.01 -8.32
CA LEU B 444 -2.38 -13.43 -8.45
C LEU B 444 -1.50 -13.71 -9.66
N GLY B 445 -1.78 -13.07 -10.79
CA GLY B 445 -0.97 -13.29 -11.98
C GLY B 445 0.44 -12.76 -11.83
N ASN B 446 0.58 -11.55 -11.28
CA ASN B 446 1.90 -11.01 -11.01
C ASN B 446 2.69 -11.94 -10.10
N GLY B 447 2.05 -12.41 -9.03
CA GLY B 447 2.74 -13.28 -8.10
C GLY B 447 3.15 -14.60 -8.72
N VAL B 448 2.25 -15.21 -9.51
CA VAL B 448 2.57 -16.52 -10.06
C VAL B 448 3.66 -16.39 -11.13
N LEU B 449 3.61 -15.34 -11.95
CA LEU B 449 4.65 -15.17 -12.95
C LEU B 449 6.00 -14.91 -12.27
N LEU B 450 6.02 -14.09 -11.22
CA LEU B 450 7.29 -13.79 -10.56
C LEU B 450 7.87 -15.02 -9.88
N CYS B 451 7.04 -15.75 -9.12
CA CYS B 451 7.53 -16.95 -8.45
C CYS B 451 7.98 -18.00 -9.46
N PHE B 452 7.22 -18.20 -10.54
CA PHE B 452 7.60 -19.20 -11.54
C PHE B 452 8.92 -18.84 -12.21
N TYR B 453 9.06 -17.57 -12.63
CA TYR B 453 10.30 -17.18 -13.31
C TYR B 453 11.50 -17.26 -12.38
N SER B 454 11.37 -16.76 -11.14
CA SER B 454 12.50 -16.83 -10.22
C SER B 454 12.82 -18.28 -9.85
N GLN B 455 11.79 -19.10 -9.65
CA GLN B 455 12.01 -20.50 -9.30
C GLN B 455 12.73 -21.24 -10.42
N GLU B 456 12.28 -21.06 -11.66
CA GLU B 456 12.93 -21.74 -12.77
C GLU B 456 14.33 -21.20 -13.01
N TRP B 457 14.53 -19.89 -12.84
CA TRP B 457 15.86 -19.32 -12.99
C TRP B 457 16.83 -19.93 -11.98
N TYR B 458 16.43 -20.00 -10.71
CA TYR B 458 17.33 -20.54 -9.71
C TYR B 458 17.45 -22.05 -9.80
N ALA B 459 16.43 -22.73 -10.33
CA ALA B 459 16.53 -24.18 -10.49
C ALA B 459 17.46 -24.54 -11.65
N ARG B 460 17.47 -23.74 -12.71
CA ARG B 460 18.46 -23.93 -13.76
C ARG B 460 19.82 -23.43 -13.34
N GLN B 461 19.87 -22.46 -12.42
CA GLN B 461 21.13 -22.06 -11.82
C GLN B 461 21.71 -23.15 -10.94
N HIS B 462 20.84 -24.01 -10.38
CA HIS B 462 21.31 -25.11 -9.54
C HIS B 462 22.19 -26.07 -10.34
N CYS B 463 21.65 -26.62 -11.43
CA CYS B 463 22.39 -27.51 -12.30
C CYS B 463 22.22 -27.05 -13.74
N PRO B 464 23.30 -26.96 -14.51
CA PRO B 464 23.19 -26.40 -15.87
C PRO B 464 22.44 -27.31 -16.84
N LEU B 465 22.30 -28.59 -16.54
CA LEU B 465 21.64 -29.55 -17.44
C LEU B 465 22.31 -29.57 -18.81
N LYS B 466 23.64 -29.48 -18.83
CA LYS B 466 24.40 -29.46 -20.07
C LYS B 466 24.52 -30.86 -20.66
N ASP B 472 17.88 -26.50 -27.56
CA ASP B 472 16.54 -26.93 -27.21
C ASP B 472 16.37 -27.01 -25.69
N TYR B 473 15.47 -26.20 -25.15
CA TYR B 473 15.25 -26.04 -23.71
C TYR B 473 13.78 -26.26 -23.37
N VAL B 474 13.21 -27.37 -23.84
CA VAL B 474 11.79 -27.64 -23.65
C VAL B 474 11.50 -27.93 -22.18
N ARG B 475 10.90 -26.95 -21.50
CA ARG B 475 10.45 -27.01 -20.10
C ARG B 475 11.47 -27.66 -19.17
N PRO B 476 12.61 -27.03 -18.94
CA PRO B 476 13.60 -27.59 -18.00
C PRO B 476 13.37 -27.09 -16.58
N ARG B 477 14.13 -27.67 -15.66
CA ARG B 477 14.19 -27.26 -14.26
C ARG B 477 12.83 -27.36 -13.56
N SER B 478 11.84 -27.98 -14.18
CA SER B 478 10.57 -28.23 -13.49
C SER B 478 10.74 -29.22 -12.34
N TRP B 479 11.76 -30.07 -12.41
CA TRP B 479 12.17 -30.90 -11.29
C TRP B 479 13.23 -30.19 -10.48
N THR B 480 13.08 -30.20 -9.16
CA THR B 480 14.07 -29.58 -8.29
C THR B 480 15.38 -30.37 -8.38
N CYS B 481 16.43 -29.74 -8.90
CA CYS B 481 17.69 -30.41 -9.12
C CYS B 481 18.45 -30.66 -7.81
N E5L C . -4.76 4.00 20.26
C E5L C . -4.09 5.18 20.22
O E5L C . -1.99 4.15 19.39
C1 E5L C . -2.68 5.27 19.78
C10 E5L C . -6.40 2.33 21.45
C11 E5L C . -5.45 1.10 18.80
C12 E5L C . -0.57 4.18 19.21
C13 E5L C . -6.35 6.09 22.41
C14 E5L C . -1.52 9.32 18.90
C15 E5L C . -5.48 -0.14 17.93
C16 E5L C . -4.07 -0.52 17.49
C17 E5L C . -3.45 0.59 16.66
C18 E5L C . -1.96 0.33 16.45
C19 E5L C . -1.71 -1.08 15.92
C2 E5L C . -4.77 6.43 20.62
C20 E5L C . -0.33 -1.58 16.33
C21 E5L C . -0.17 -3.07 16.03
C22 E5L C . -1.10 -3.88 16.91
C3 E5L C . -5.86 3.80 19.54
C4 E5L C . -6.83 2.78 20.06
C5 E5L C . -2.75 7.67 20.16
C6 E5L C . -2.06 6.52 19.77
C7 E5L C . -4.07 7.64 20.58
C8 E5L C . -6.86 1.59 19.10
C9 E5L C . -8.21 3.41 20.13
O1 E5L C . -6.08 6.41 21.05
O2 E5L C . -2.10 8.87 20.12
O3 E5L C . -6.10 4.40 18.51
C1 CLR D . -3.39 6.11 3.08
C2 CLR D . -2.57 7.39 3.05
C3 CLR D . -2.97 8.33 1.95
C4 CLR D . -4.44 8.71 2.09
C5 CLR D . -5.29 7.48 2.38
C6 CLR D . -6.45 7.36 1.72
C7 CLR D . -7.53 6.35 2.07
C8 CLR D . -7.18 5.32 3.14
C9 CLR D . -5.66 5.14 3.13
C10 CLR D . -4.85 6.42 3.35
C11 CLR D . -5.15 4.07 4.08
C12 CLR D . -5.89 2.74 4.00
C13 CLR D . -7.41 2.90 3.96
C14 CLR D . -7.80 3.92 2.89
C15 CLR D . -9.30 3.70 2.76
C16 CLR D . -9.56 2.21 2.97
C17 CLR D . -8.22 1.66 3.51
C18 CLR D . -7.98 3.39 5.29
C19 CLR D . -4.94 6.86 4.80
C20 CLR D . -8.41 0.44 4.39
C21 CLR D . -7.29 -0.54 3.94
C22 CLR D . -9.78 -0.15 4.17
C23 CLR D . -9.87 -1.62 4.66
C24 CLR D . -11.19 -2.15 4.14
C25 CLR D . -11.53 -3.55 4.54
C26 CLR D . -12.85 -3.95 3.90
C27 CLR D . -10.42 -4.48 4.09
O1 CLR D . -2.17 9.51 2.07
N E5L E . 4.82 -4.12 -20.23
C E5L E . 3.51 -4.21 -20.55
O E5L E . 3.03 -5.90 -18.80
C1 E5L E . 2.59 -5.12 -19.84
C10 E5L E . 7.35 -3.93 -20.91
C11 E5L E . 7.12 -3.91 -17.85
C12 E5L E . 2.22 -6.95 -18.27
C13 E5L E . 4.55 -3.08 -23.44
C14 E5L E . -1.54 -4.20 -20.65
C15 E5L E . 7.91 -3.93 -16.54
C16 E5L E . 7.36 -5.00 -15.60
C17 E5L E . 5.92 -4.73 -15.24
C18 E5L E . 5.30 -5.93 -14.54
C19 E5L E . 6.17 -6.39 -13.37
C2 E5L E . 2.96 -3.40 -21.67
C20 E5L E . 5.97 -7.87 -13.11
C21 E5L E . 7.01 -8.39 -12.12
C22 E5L E . 8.40 -8.35 -12.74
C3 E5L E . 5.36 -2.96 -19.83
C4 E5L E . 6.83 -2.77 -20.06
C5 E5L E . 0.79 -4.37 -21.28
C6 E5L E . 1.25 -5.17 -20.23
C7 E5L E . 1.61 -3.51 -21.99
C8 E5L E . 7.54 -2.73 -18.72
C9 E5L E . 7.05 -1.46 -20.80
O1 E5L E . 3.77 -2.55 -22.37
O2 E5L E . -0.54 -4.46 -21.63
O3 E5L E . 4.71 -2.07 -19.30
C1 CLR F . -2.36 3.51 -6.37
C2 CLR F . -3.82 3.31 -6.71
C3 CLR F . -4.68 4.49 -6.33
C4 CLR F . -4.19 5.74 -7.03
C5 CLR F . -2.68 5.86 -6.93
C6 CLR F . -2.15 7.06 -6.65
C7 CLR F . -0.68 7.41 -6.76
C8 CLR F . 0.27 6.27 -7.10
C9 CLR F . -0.38 4.98 -6.59
C10 CLR F . -1.78 4.67 -7.14
C11 CLR F . 0.50 3.74 -6.74
C12 CLR F . 1.94 3.90 -6.26
C13 CLR F . 2.57 5.21 -6.73
C14 CLR F . 1.65 6.37 -6.41
C15 CLR F . 2.56 7.58 -6.61
C16 CLR F . 3.96 7.16 -6.18
C17 CLR F . 3.87 5.63 -5.99
C18 CLR F . 2.83 5.23 -8.23
C19 CLR F . -1.68 4.22 -8.60
C20 CLR F . 5.20 4.93 -6.23
C21 CLR F . 5.28 3.88 -5.08
C22 CLR F . 6.33 5.93 -6.14
C23 CLR F . 7.70 5.26 -5.90
C24 CLR F . 8.66 6.38 -5.58
C25 CLR F . 10.09 5.96 -5.36
C26 CLR F . 10.92 7.20 -5.01
C27 CLR F . 10.14 4.94 -4.23
O1 CLR F . -6.01 4.19 -6.75
#